data_9C0X
#
_entry.id   9C0X
#
_cell.length_a   169.045
_cell.length_b   169.045
_cell.length_c   169.045
_cell.angle_alpha   90.00
_cell.angle_beta   90.00
_cell.angle_gamma   90.00
#
_symmetry.space_group_name_H-M   'P 21 3'
#
loop_
_entity.id
_entity.type
_entity.pdbx_description
1 polymer 'Hemagglutinin HA2 subunit'
2 polymer 'Antibody 31.b.09 Fab light chain'
3 polymer 'Antibody 31.b.09 Fab heavy chain'
4 polymer 'Hemagglutinin HA1 subunit'
5 branched 2-acetamido-2-deoxy-beta-D-glucopyranose-(1-4)-2-acetamido-2-deoxy-beta-D-glucopyranose
6 non-polymer 2-acetamido-2-deoxy-beta-D-glucopyranose
#
loop_
_entity_poly.entity_id
_entity_poly.type
_entity_poly.pdbx_seq_one_letter_code
_entity_poly.pdbx_strand_id
1 'polypeptide(L)'
;IEGGWTGMVDGWYGYHHQNEQGSGYAADLKSTQNAIDGITNKVNSVIEKMNTQFTAVGKEFNHLEKRIENLNKKVDDGFL
DIWTYNAELLVLLENERTLDYHDSNVKNLYEKVRSQLKNNAKEIGNGCFEFYHKCDNTCMESVKNGTYDYPKYSEEAKLN
REEIDS
;
B
2 'polypeptide(L)'
;DVVMTQSPVSLPVTLGQPASISCRSSQGLVYIDGNTYLNWFQQRPGQSPRRLIYNVFTRDSGVPDRFSGSGSGTDFTLKI
TTVEAEDVGVYYCMQGTHWPYTFGQGTKLEIKRA
;
L
3 'polypeptide(L)'
;QVQLVQSGAEVKKPGASVKVSCKASGYSFSSYGISWVRQAPGQGLEWMGWISAYNGNTNYAQKLQGRVTMTTDTSTSTAY
MELRSLRSDDTAVFYCARDRPHILTGFDFDYWGQGTLVTVS
;
H
4 'polypeptide(L)'
;GDTLCIGYHANNSTDTVDTLLEKNVTVTHSVNLLEDKHNGK(UNK)(UNK)INGKQPISLGDCSFAGWILGNPMCDDLIG
KTSWSYIVEKPNPTNGICYPGTLEDEEELRLKFSGVLEFSKFEAFTSNGWGAVNSGAGVTAACKFGSSNSFFRNMVWLIH
QSGTYPVIKRTFNNTKGRDVLIVWGIHHPATLKEHQDLYKKDSSYVAVGSETYNRRFTPEISTRPNVNGQAGRMTFYWTM
VKPGESITFESNGAFLAPRYAFEIVSVGNGKLFRSELSIESCNTTCQTPKGAINTSLPFQNIHPITIGKCPKYVKSTKLR
LATGLRNVPS
;
A
#
loop_
_chem_comp.id
_chem_comp.type
_chem_comp.name
_chem_comp.formula
NAG D-saccharide, beta linking 2-acetamido-2-deoxy-beta-D-glucopyranose 'C8 H15 N O6'
#
# COMPACT_ATOMS: atom_id res chain seq x y z
N ILE A 1 11.12 23.86 -30.60
CA ILE A 1 9.67 23.94 -30.51
C ILE A 1 9.28 24.71 -29.27
N GLU A 2 8.56 25.82 -29.47
CA GLU A 2 8.36 26.80 -28.40
C GLU A 2 7.30 26.36 -27.39
N GLY A 3 6.10 26.01 -27.88
CA GLY A 3 4.99 25.76 -27.01
C GLY A 3 4.34 24.43 -27.30
N GLY A 4 3.43 24.04 -26.40
CA GLY A 4 2.71 22.80 -26.53
C GLY A 4 1.32 23.02 -27.05
N TRP A 5 0.63 21.91 -27.25
CA TRP A 5 -0.67 21.94 -27.90
C TRP A 5 -1.70 21.44 -26.89
N THR A 6 -2.55 22.36 -26.43
CA THR A 6 -3.71 21.93 -25.67
C THR A 6 -4.71 21.19 -26.57
N GLY A 7 -4.67 21.46 -27.88
CA GLY A 7 -5.61 20.82 -28.79
C GLY A 7 -5.28 19.37 -29.09
N MET A 8 -4.00 19.01 -29.03
CA MET A 8 -3.59 17.62 -29.20
C MET A 8 -3.67 16.93 -27.85
N VAL A 9 -4.81 16.32 -27.57
CA VAL A 9 -5.04 15.59 -26.33
C VAL A 9 -4.96 14.08 -26.57
N ASP A 10 -4.38 13.65 -27.69
CA ASP A 10 -4.26 12.24 -28.05
C ASP A 10 -3.01 11.59 -27.45
N GLY A 11 -1.96 12.36 -27.17
CA GLY A 11 -0.77 11.82 -26.55
C GLY A 11 0.23 12.93 -26.31
N TRP A 12 1.40 12.54 -25.78
CA TRP A 12 2.45 13.53 -25.51
C TRP A 12 3.02 14.12 -26.79
N TYR A 13 3.31 13.27 -27.77
CA TYR A 13 3.91 13.70 -29.02
C TYR A 13 2.97 13.44 -30.19
N GLY A 14 3.02 14.30 -31.20
CA GLY A 14 2.21 14.11 -32.38
C GLY A 14 2.38 15.14 -33.48
N TYR A 15 1.31 15.34 -34.26
CA TYR A 15 1.33 16.19 -35.44
C TYR A 15 0.13 17.11 -35.46
N HIS A 16 0.31 18.24 -36.13
CA HIS A 16 -0.79 19.12 -36.51
C HIS A 16 -0.67 19.42 -38.00
N HIS A 17 -1.55 18.85 -38.80
CA HIS A 17 -1.51 19.10 -40.22
C HIS A 17 -2.50 20.19 -40.58
N GLN A 18 -2.23 20.86 -41.69
CA GLN A 18 -3.08 21.95 -42.18
C GLN A 18 -2.93 21.98 -43.70
N ASN A 19 -3.89 21.40 -44.40
CA ASN A 19 -3.81 21.31 -45.85
C ASN A 19 -5.08 21.88 -46.47
N GLU A 20 -5.30 21.54 -47.75
CA GLU A 20 -6.52 21.93 -48.42
C GLU A 20 -7.73 21.40 -47.67
N GLN A 21 -7.63 20.17 -47.16
CA GLN A 21 -8.73 19.57 -46.42
C GLN A 21 -8.97 20.30 -45.11
N GLY A 22 -7.94 20.82 -44.51
CA GLY A 22 -8.23 21.52 -43.28
C GLY A 22 -7.06 21.36 -42.32
N SER A 23 -7.35 21.56 -41.05
CA SER A 23 -6.29 21.43 -40.06
C SER A 23 -6.77 20.60 -38.88
N GLY A 24 -5.86 19.77 -38.37
CA GLY A 24 -6.20 18.86 -37.31
C GLY A 24 -4.97 18.34 -36.58
N TYR A 25 -5.20 17.93 -35.35
CA TYR A 25 -4.17 17.32 -34.52
C TYR A 25 -4.32 15.81 -34.51
N ALA A 26 -3.22 15.12 -34.27
CA ALA A 26 -3.22 13.67 -34.21
C ALA A 26 -1.87 13.20 -33.71
N ALA A 27 -1.85 12.52 -32.56
CA ALA A 27 -0.60 12.18 -31.91
C ALA A 27 0.10 11.02 -32.60
N ASP A 28 1.43 11.05 -32.60
CA ASP A 28 2.20 9.92 -33.11
C ASP A 28 2.29 8.88 -32.02
N LEU A 29 1.56 7.79 -32.20
CA LEU A 29 1.24 6.89 -31.09
C LEU A 29 2.30 5.85 -30.84
N LYS A 30 3.11 5.50 -31.84
CA LYS A 30 4.20 4.58 -31.58
C LYS A 30 5.22 5.22 -30.64
N SER A 31 5.59 6.47 -30.91
CA SER A 31 6.53 7.16 -30.03
C SER A 31 5.90 7.51 -28.70
N THR A 32 4.70 8.10 -28.73
CA THR A 32 3.95 8.32 -27.50
C THR A 32 3.96 7.05 -26.70
N GLN A 33 3.94 5.95 -27.41
CA GLN A 33 3.70 4.69 -26.78
C GLN A 33 4.94 4.22 -26.08
N ASN A 34 6.04 4.31 -26.78
CA ASN A 34 7.28 3.83 -26.24
C ASN A 34 7.61 4.67 -25.03
N ALA A 35 7.26 5.97 -25.09
CA ALA A 35 7.50 6.85 -23.96
C ALA A 35 6.67 6.45 -22.75
N ILE A 36 5.42 6.06 -22.96
CA ILE A 36 4.57 5.67 -21.85
C ILE A 36 5.09 4.41 -21.19
N ASP A 37 5.44 3.40 -21.99
CA ASP A 37 5.99 2.18 -21.42
C ASP A 37 7.28 2.45 -20.66
N GLY A 38 8.12 3.32 -21.21
CA GLY A 38 9.37 3.65 -20.55
C GLY A 38 9.16 4.36 -19.22
N ILE A 39 8.28 5.37 -19.20
CA ILE A 39 8.08 6.10 -17.95
C ILE A 39 7.35 5.24 -16.93
N THR A 40 6.45 4.36 -17.39
CA THR A 40 5.77 3.44 -16.49
C THR A 40 6.75 2.49 -15.83
N ASN A 41 7.64 1.90 -16.63
CA ASN A 41 8.64 1.01 -16.07
C ASN A 41 9.56 1.74 -15.10
N LYS A 42 9.98 2.95 -15.46
CA LYS A 42 10.78 3.77 -14.54
C LYS A 42 10.06 3.96 -13.20
N VAL A 43 8.79 4.38 -13.23
CA VAL A 43 8.05 4.62 -11.99
C VAL A 43 7.89 3.33 -11.19
N ASN A 44 7.60 2.23 -11.88
CA ASN A 44 7.44 0.96 -11.18
C ASN A 44 8.71 0.58 -10.44
N SER A 45 9.87 0.71 -11.10
CA SER A 45 11.10 0.36 -10.43
C SER A 45 11.38 1.31 -9.28
N VAL A 46 11.02 2.58 -9.43
CA VAL A 46 11.26 3.52 -8.34
C VAL A 46 10.44 3.14 -7.11
N ILE A 47 9.15 2.82 -7.32
CA ILE A 47 8.22 2.58 -6.22
C ILE A 47 8.49 1.21 -5.58
N GLU A 48 8.51 0.16 -6.39
CA GLU A 48 8.64 -1.22 -5.91
C GLU A 48 9.98 -1.45 -5.25
N LYS A 49 11.05 -1.31 -6.02
CA LYS A 49 12.40 -1.38 -5.49
C LYS A 49 12.69 0.03 -5.01
N MET A 50 12.08 0.39 -3.90
CA MET A 50 12.32 1.71 -3.38
C MET A 50 13.38 1.53 -2.30
N ASN A 51 12.96 0.94 -1.19
CA ASN A 51 13.84 0.57 -0.10
C ASN A 51 13.02 -0.29 0.85
N THR A 52 13.71 -0.95 1.77
CA THR A 52 13.04 -1.76 2.80
C THR A 52 12.75 -0.85 3.99
N GLN A 53 11.60 -0.18 3.92
CA GLN A 53 11.21 0.74 4.99
C GLN A 53 11.05 0.02 6.31
N PHE A 54 10.53 -1.21 6.27
CA PHE A 54 10.30 -1.97 7.49
C PHE A 54 11.59 -2.19 8.25
N THR A 55 11.58 -1.90 9.54
CA THR A 55 12.75 -2.13 10.39
C THR A 55 12.79 -3.61 10.75
N ALA A 56 13.38 -4.41 9.84
CA ALA A 56 13.52 -5.84 10.06
C ALA A 56 14.48 -6.17 11.19
N VAL A 57 15.26 -5.19 11.65
CA VAL A 57 16.19 -5.41 12.75
C VAL A 57 15.46 -6.07 13.91
N GLY A 58 16.04 -7.16 14.42
CA GLY A 58 15.38 -7.88 15.50
C GLY A 58 15.45 -7.13 16.82
N LYS A 59 16.57 -6.47 17.08
CA LYS A 59 16.76 -5.68 18.29
C LYS A 59 16.49 -6.53 19.53
N GLU A 60 16.97 -7.79 19.48
CA GLU A 60 16.77 -8.74 20.58
C GLU A 60 17.06 -8.10 21.92
N PHE A 61 18.21 -7.43 22.02
CA PHE A 61 18.53 -6.72 23.28
C PHE A 61 18.54 -5.19 23.09
N ASN A 62 18.21 -4.70 21.89
CA ASN A 62 18.24 -3.24 21.60
C ASN A 62 19.57 -2.66 22.09
N HIS A 63 19.57 -1.45 22.65
CA HIS A 63 20.86 -0.95 23.25
C HIS A 63 20.66 -0.92 24.76
N LEU A 64 20.19 0.20 25.33
CA LEU A 64 19.83 0.29 26.78
C LEU A 64 20.96 0.50 27.79
N GLU A 65 22.24 0.58 27.40
CA GLU A 65 23.26 0.81 28.46
C GLU A 65 22.98 2.24 28.90
N LYS A 66 22.91 3.17 27.95
CA LYS A 66 22.53 4.54 28.24
C LYS A 66 21.03 4.54 28.51
N ARG A 67 20.59 5.47 29.37
CA ARG A 67 19.22 5.53 29.89
C ARG A 67 18.17 5.27 28.82
N ILE A 68 18.28 5.95 27.69
CA ILE A 68 17.39 5.75 26.56
C ILE A 68 18.16 4.89 25.56
N GLU A 69 17.43 4.23 24.66
CA GLU A 69 18.05 3.47 23.59
C GLU A 69 19.08 4.36 22.89
N ASN A 70 20.33 3.89 22.83
CA ASN A 70 21.43 4.73 22.39
C ASN A 70 21.92 4.42 21.01
N LEU A 71 22.21 3.16 20.73
CA LEU A 71 22.69 2.79 19.42
C LEU A 71 21.60 2.63 18.39
N ASN A 72 20.52 1.92 18.68
CA ASN A 72 19.49 1.78 17.68
C ASN A 72 18.76 3.10 17.44
N LYS A 73 18.68 3.94 18.47
CA LYS A 73 18.10 5.27 18.29
C LYS A 73 18.83 6.04 17.19
N LYS A 74 20.12 6.28 17.37
CA LYS A 74 20.88 7.06 16.41
C LYS A 74 21.08 6.31 15.09
N VAL A 75 21.11 4.97 15.12
CA VAL A 75 21.12 4.19 13.87
C VAL A 75 19.87 4.46 13.04
N ASP A 76 18.70 4.44 13.68
CA ASP A 76 17.46 4.74 12.97
C ASP A 76 17.42 6.18 12.50
N ASP A 77 17.89 7.12 13.33
CA ASP A 77 17.92 8.52 12.91
C ASP A 77 18.84 8.71 11.70
N GLY A 78 20.00 8.05 11.71
CA GLY A 78 20.91 8.15 10.59
C GLY A 78 20.35 7.52 9.32
N PHE A 79 19.68 6.37 9.45
CA PHE A 79 19.00 5.78 8.29
C PHE A 79 17.95 6.72 7.72
N LEU A 80 17.19 7.37 8.61
CA LEU A 80 16.28 8.42 8.20
C LEU A 80 16.98 9.44 7.33
N ASP A 81 18.13 9.92 7.79
CA ASP A 81 18.88 10.93 7.01
C ASP A 81 19.29 10.32 5.67
N ILE A 82 19.81 9.09 5.70
CA ILE A 82 20.31 8.44 4.46
C ILE A 82 19.32 8.50 3.29
N TRP A 83 18.07 8.08 3.52
CA TRP A 83 17.10 8.15 2.41
C TRP A 83 16.53 9.58 2.29
N THR A 84 16.26 10.24 3.41
CA THR A 84 15.79 11.61 3.24
C THR A 84 16.62 12.33 2.18
N TYR A 85 17.92 12.00 2.09
CA TYR A 85 18.75 12.54 1.02
C TYR A 85 18.56 11.78 -0.29
N ASN A 86 18.66 10.45 -0.24
CA ASN A 86 18.62 9.63 -1.45
C ASN A 86 17.34 9.85 -2.25
N ALA A 87 16.20 9.98 -1.56
CA ALA A 87 14.92 10.12 -2.22
C ALA A 87 14.75 11.48 -2.88
N GLU A 88 15.07 12.55 -2.14
CA GLU A 88 15.07 13.87 -2.74
C GLU A 88 15.91 13.87 -4.02
N LEU A 89 17.12 13.32 -3.91
CA LEU A 89 18.05 13.32 -5.04
C LEU A 89 17.52 12.47 -6.18
N LEU A 90 16.94 11.32 -5.88
CA LEU A 90 16.43 10.45 -6.92
C LEU A 90 15.26 11.09 -7.65
N VAL A 91 14.35 11.73 -6.92
CA VAL A 91 13.27 12.49 -7.55
C VAL A 91 13.84 13.46 -8.56
N LEU A 92 14.78 14.32 -8.14
CA LEU A 92 15.36 15.29 -9.05
C LEU A 92 15.96 14.60 -10.28
N LEU A 93 16.84 13.61 -10.04
CA LEU A 93 17.54 12.93 -11.12
C LEU A 93 16.56 12.40 -12.16
N GLU A 94 15.57 11.65 -11.71
CA GLU A 94 14.67 11.01 -12.64
C GLU A 94 13.72 12.00 -13.28
N ASN A 95 13.41 13.10 -12.60
CA ASN A 95 12.53 14.08 -13.23
C ASN A 95 13.23 14.79 -14.38
N GLU A 96 14.49 15.21 -14.18
CA GLU A 96 15.20 15.80 -15.31
C GLU A 96 15.51 14.77 -16.39
N ARG A 97 15.67 13.49 -16.02
CA ARG A 97 15.80 12.46 -17.05
C ARG A 97 14.52 12.34 -17.87
N THR A 98 13.37 12.38 -17.21
CA THR A 98 12.08 12.34 -17.89
C THR A 98 11.90 13.53 -18.83
N LEU A 99 12.30 14.71 -18.40
CA LEU A 99 12.11 15.87 -19.26
C LEU A 99 13.07 15.82 -20.45
N ASP A 100 14.33 15.42 -20.23
CA ASP A 100 15.26 15.23 -21.34
C ASP A 100 14.83 14.11 -22.26
N TYR A 101 14.16 13.10 -21.72
CA TYR A 101 13.65 11.98 -22.51
C TYR A 101 12.52 12.43 -23.43
N HIS A 102 11.56 13.16 -22.87
CA HIS A 102 10.51 13.74 -23.68
C HIS A 102 11.10 14.65 -24.77
N ASP A 103 12.09 15.48 -24.38
CA ASP A 103 12.74 16.35 -25.36
C ASP A 103 13.41 15.54 -26.46
N SER A 104 14.08 14.45 -26.10
CA SER A 104 14.74 13.61 -27.09
C SER A 104 13.75 12.93 -28.02
N ASN A 105 12.62 12.45 -27.48
CA ASN A 105 11.61 11.85 -28.34
C ASN A 105 11.06 12.87 -29.33
N VAL A 106 10.80 14.09 -28.87
CA VAL A 106 10.36 15.15 -29.77
C VAL A 106 11.38 15.38 -30.86
N LYS A 107 12.65 15.56 -30.47
CA LYS A 107 13.73 15.78 -31.42
C LYS A 107 13.79 14.66 -32.47
N ASN A 108 13.60 13.41 -32.03
CA ASN A 108 13.73 12.28 -32.94
C ASN A 108 12.56 12.22 -33.92
N LEU A 109 11.34 12.45 -33.43
CA LEU A 109 10.20 12.48 -34.33
C LEU A 109 10.41 13.55 -35.41
N TYR A 110 10.90 14.72 -34.98
CA TYR A 110 11.13 15.79 -35.94
C TYR A 110 12.16 15.37 -36.98
N GLU A 111 13.25 14.76 -36.53
CA GLU A 111 14.30 14.37 -37.46
C GLU A 111 13.82 13.30 -38.45
N LYS A 112 12.93 12.41 -38.02
CA LYS A 112 12.36 11.42 -38.92
C LYS A 112 11.58 12.09 -40.03
N VAL A 113 10.71 13.03 -39.66
CA VAL A 113 9.98 13.75 -40.70
C VAL A 113 10.94 14.48 -41.63
N ARG A 114 12.00 15.07 -41.09
CA ARG A 114 12.96 15.80 -41.92
C ARG A 114 13.64 14.87 -42.92
N SER A 115 14.11 13.71 -42.45
CA SER A 115 14.77 12.76 -43.33
C SER A 115 13.84 12.24 -44.41
N GLN A 116 12.54 12.16 -44.11
CA GLN A 116 11.62 11.79 -45.17
C GLN A 116 11.47 12.89 -46.19
N LEU A 117 11.21 14.12 -45.73
CA LEU A 117 10.81 15.19 -46.64
C LEU A 117 11.98 15.70 -47.47
N LYS A 118 13.11 16.03 -46.82
CA LYS A 118 14.27 16.58 -47.52
C LYS A 118 13.91 17.85 -48.29
N ASN A 119 14.04 17.80 -49.62
CA ASN A 119 13.90 18.99 -50.48
C ASN A 119 12.46 19.39 -50.74
N ASN A 120 11.53 18.43 -50.66
CA ASN A 120 10.15 18.68 -51.07
C ASN A 120 9.39 19.56 -50.10
N ALA A 121 10.03 20.01 -49.02
CA ALA A 121 9.39 20.92 -48.08
C ALA A 121 10.44 21.85 -47.49
N LYS A 122 9.97 22.92 -46.87
CA LYS A 122 10.81 23.93 -46.24
C LYS A 122 10.67 23.83 -44.72
N GLU A 123 11.78 24.04 -44.01
CA GLU A 123 11.74 24.05 -42.52
C GLU A 123 11.28 25.44 -42.06
N ILE A 124 10.50 25.49 -40.98
CA ILE A 124 9.96 26.79 -40.49
C ILE A 124 10.58 27.08 -39.12
N GLY A 125 10.66 28.35 -38.73
CA GLY A 125 11.26 28.73 -37.43
C GLY A 125 10.90 27.72 -36.36
N ASN A 126 9.60 27.53 -36.09
CA ASN A 126 9.18 26.65 -35.00
C ASN A 126 8.93 25.20 -35.54
N GLY A 127 8.23 24.36 -34.76
CA GLY A 127 8.01 23.03 -35.19
C GLY A 127 6.89 23.12 -36.21
N CYS A 128 7.22 22.91 -37.49
CA CYS A 128 6.23 23.08 -38.62
C CYS A 128 7.01 22.78 -39.89
N PHE A 129 6.34 22.43 -41.01
CA PHE A 129 7.22 22.11 -42.16
C PHE A 129 6.13 22.62 -43.17
N GLU A 130 6.60 23.36 -44.18
CA GLU A 130 5.72 23.87 -45.23
C GLU A 130 6.06 23.17 -46.53
N PHE A 131 5.10 22.43 -47.08
CA PHE A 131 5.36 21.68 -48.31
C PHE A 131 5.50 22.62 -49.50
N TYR A 132 6.45 22.28 -50.38
CA TYR A 132 6.54 22.89 -51.71
C TYR A 132 5.56 22.28 -52.69
N HIS A 133 4.67 21.43 -52.21
CA HIS A 133 3.69 20.77 -53.06
C HIS A 133 2.41 20.57 -52.26
N LYS A 134 1.35 20.20 -52.98
CA LYS A 134 0.06 19.94 -52.36
C LYS A 134 0.10 18.59 -51.67
N CYS A 135 -0.10 18.60 -50.35
CA CYS A 135 -0.08 17.38 -49.53
C CYS A 135 -1.49 17.15 -48.99
N ASP A 136 -2.25 16.31 -49.67
CA ASP A 136 -3.59 15.98 -49.19
C ASP A 136 -3.51 15.06 -47.98
N ASN A 137 -4.67 14.61 -47.50
CA ASN A 137 -4.71 13.76 -46.32
C ASN A 137 -3.97 12.45 -46.55
N THR A 138 -3.99 11.94 -47.79
CA THR A 138 -3.23 10.74 -48.09
C THR A 138 -1.73 11.00 -47.98
N CYS A 139 -1.27 12.14 -48.52
CA CYS A 139 0.14 12.51 -48.41
C CYS A 139 0.54 12.77 -46.96
N MET A 140 -0.34 13.41 -46.20
CA MET A 140 -0.08 13.66 -44.77
C MET A 140 0.09 12.34 -44.03
N GLU A 141 -0.87 11.42 -44.19
CA GLU A 141 -0.80 10.12 -43.54
C GLU A 141 0.39 9.32 -44.01
N SER A 142 0.81 9.52 -45.27
CA SER A 142 2.02 8.86 -45.75
C SER A 142 3.25 9.39 -45.02
N VAL A 143 3.29 10.70 -44.76
CA VAL A 143 4.39 11.24 -43.98
C VAL A 143 4.37 10.63 -42.58
N LYS A 144 3.21 10.68 -41.94
CA LYS A 144 3.10 10.19 -40.54
C LYS A 144 3.55 8.72 -40.44
N ASN A 145 2.97 7.82 -41.24
CA ASN A 145 3.30 6.38 -41.10
C ASN A 145 4.71 6.10 -41.63
N GLY A 146 5.41 7.12 -42.14
CA GLY A 146 6.78 6.91 -42.57
C GLY A 146 6.94 6.38 -43.99
N THR A 147 5.93 6.53 -44.83
CA THR A 147 5.94 6.02 -46.19
C THR A 147 5.84 7.15 -47.18
N TYR A 148 6.53 8.26 -46.90
CA TYR A 148 6.48 9.39 -47.80
C TYR A 148 7.30 9.11 -49.04
N ASP A 149 6.73 9.39 -50.20
CA ASP A 149 7.31 9.07 -51.49
C ASP A 149 7.93 10.34 -52.05
N TYR A 150 9.26 10.43 -51.98
CA TYR A 150 9.92 11.64 -52.46
C TYR A 150 9.89 11.77 -53.97
N PRO A 151 10.28 10.75 -54.77
CA PRO A 151 10.28 10.95 -56.23
C PRO A 151 8.90 11.26 -56.80
N LYS A 152 7.83 10.90 -56.10
CA LYS A 152 6.48 11.20 -56.57
C LYS A 152 6.28 12.70 -56.69
N TYR A 153 6.66 13.46 -55.67
CA TYR A 153 6.43 14.89 -55.62
C TYR A 153 7.67 15.70 -55.97
N SER A 154 8.80 15.04 -56.25
CA SER A 154 10.06 15.75 -56.36
C SER A 154 10.04 16.77 -57.48
N GLU A 155 9.36 16.46 -58.58
CA GLU A 155 9.34 17.37 -59.71
C GLU A 155 8.49 18.59 -59.42
N GLU A 156 7.28 18.38 -58.86
CA GLU A 156 6.44 19.49 -58.48
C GLU A 156 7.14 20.38 -57.46
N ALA A 157 7.80 19.77 -56.47
CA ALA A 157 8.52 20.53 -55.46
C ALA A 157 9.69 21.28 -56.07
N LYS A 158 10.39 20.65 -57.02
CA LYS A 158 11.47 21.33 -57.73
C LYS A 158 10.97 22.60 -58.40
N LEU A 159 9.90 22.49 -59.19
CA LEU A 159 9.38 23.64 -59.91
C LEU A 159 8.99 24.76 -58.95
N ASN A 160 8.16 24.45 -57.95
CA ASN A 160 7.73 25.48 -57.00
C ASN A 160 8.93 26.12 -56.31
N ARG A 161 9.75 25.28 -55.66
CA ARG A 161 10.91 25.76 -54.92
C ARG A 161 11.76 26.70 -55.75
N GLU A 162 12.04 26.32 -56.99
CA GLU A 162 12.82 27.21 -57.84
C GLU A 162 12.01 28.41 -58.31
N GLU A 163 10.70 28.40 -58.13
CA GLU A 163 9.95 29.59 -58.52
C GLU A 163 9.90 30.66 -57.44
N ILE A 164 9.79 30.28 -56.15
CA ILE A 164 9.63 31.33 -55.13
C ILE A 164 10.79 32.31 -55.14
N ASP A 165 11.99 31.85 -55.45
CA ASP A 165 13.10 32.76 -55.75
C ASP A 165 13.05 33.25 -57.20
N SER A 166 11.97 33.99 -57.50
CA SER A 166 11.77 34.59 -58.81
C SER A 166 11.92 33.54 -59.92
N ASP B 1 6.07 -8.25 -20.81
CA ASP B 1 4.82 -8.99 -20.65
C ASP B 1 4.47 -9.09 -19.17
N VAL B 2 3.18 -9.22 -18.86
CA VAL B 2 2.69 -9.29 -17.49
C VAL B 2 2.14 -10.68 -17.22
N VAL B 3 2.31 -11.17 -16.00
CA VAL B 3 1.80 -12.47 -15.59
C VAL B 3 0.93 -12.25 -14.36
N MET B 4 -0.37 -12.47 -14.51
CA MET B 4 -1.33 -12.36 -13.40
C MET B 4 -1.61 -13.75 -12.87
N THR B 5 -0.97 -14.09 -11.76
CA THR B 5 -1.20 -15.35 -11.07
C THR B 5 -2.29 -15.15 -10.04
N GLN B 6 -3.30 -16.01 -10.07
CA GLN B 6 -4.35 -16.07 -9.05
C GLN B 6 -4.23 -17.39 -8.31
N SER B 7 -3.65 -17.32 -7.11
CA SER B 7 -3.48 -18.54 -6.31
C SER B 7 -4.79 -19.25 -6.00
N PRO B 8 -5.91 -18.57 -5.65
CA PRO B 8 -7.09 -19.37 -5.21
C PRO B 8 -8.07 -19.67 -6.34
N VAL B 9 -7.70 -20.62 -7.20
CA VAL B 9 -8.51 -20.90 -8.38
C VAL B 9 -9.90 -21.40 -7.98
N SER B 10 -9.97 -22.25 -6.97
CA SER B 10 -11.23 -22.85 -6.54
C SER B 10 -11.54 -22.40 -5.11
N LEU B 11 -12.78 -22.00 -4.86
CA LEU B 11 -13.19 -21.40 -3.59
C LEU B 11 -14.56 -21.91 -3.14
N PRO B 12 -14.60 -22.99 -2.38
CA PRO B 12 -15.86 -23.39 -1.75
C PRO B 12 -16.17 -22.59 -0.50
N VAL B 13 -17.11 -21.67 -0.56
CA VAL B 13 -17.32 -20.74 0.53
C VAL B 13 -18.70 -20.93 1.15
N THR B 14 -18.76 -21.47 2.37
CA THR B 14 -20.00 -21.37 3.15
C THR B 14 -20.60 -20.00 3.09
N LEU B 15 -21.88 -19.97 2.74
CA LEU B 15 -22.63 -18.73 2.68
C LEU B 15 -22.36 -18.02 3.99
N GLY B 16 -21.98 -16.75 3.88
CA GLY B 16 -21.75 -15.96 5.07
C GLY B 16 -20.39 -16.15 5.69
N GLN B 17 -19.37 -16.47 4.89
CA GLN B 17 -18.02 -16.70 5.41
C GLN B 17 -17.04 -15.94 4.54
N PRO B 18 -16.71 -14.69 4.92
CA PRO B 18 -15.85 -13.84 4.07
C PRO B 18 -14.61 -14.52 3.55
N ALA B 19 -14.46 -14.56 2.22
CA ALA B 19 -13.30 -15.15 1.57
C ALA B 19 -12.61 -14.10 0.69
N SER B 20 -11.39 -14.45 0.26
CA SER B 20 -10.49 -13.55 -0.45
C SER B 20 -9.89 -14.24 -1.68
N ILE B 21 -9.64 -13.43 -2.71
CA ILE B 21 -9.03 -13.87 -3.97
C ILE B 21 -7.78 -13.04 -4.21
N SER B 22 -6.65 -13.70 -4.47
CA SER B 22 -5.35 -13.05 -4.59
C SER B 22 -4.89 -13.04 -6.04
N CYS B 23 -4.63 -11.83 -6.55
CA CYS B 23 -3.95 -11.60 -7.81
C CYS B 23 -2.53 -11.16 -7.53
N ARG B 24 -1.56 -11.82 -8.16
CA ARG B 24 -0.16 -11.45 -8.03
C ARG B 24 0.40 -11.14 -9.40
N SER B 25 1.07 -10.00 -9.52
CA SER B 25 1.61 -9.53 -10.79
C SER B 25 3.10 -9.74 -10.88
N SER B 26 3.60 -9.77 -12.10
CA SER B 26 5.03 -9.87 -12.33
C SER B 26 5.73 -8.54 -12.11
N GLN B 27 5.10 -7.44 -12.52
CA GLN B 27 5.65 -6.11 -12.34
C GLN B 27 4.61 -5.22 -11.64
N GLY B 28 5.02 -4.01 -11.31
CA GLY B 28 4.13 -3.06 -10.66
C GLY B 28 3.09 -2.50 -11.62
N LEU B 29 1.92 -2.16 -11.08
CA LEU B 29 0.78 -1.79 -11.89
C LEU B 29 0.35 -0.34 -11.66
N VAL B 30 1.28 0.51 -11.26
CA VAL B 30 1.00 1.92 -11.06
C VAL B 30 1.06 2.58 -12.44
N TYR B 31 0.69 3.85 -12.51
CA TYR B 31 0.65 4.51 -13.81
C TYR B 31 1.05 5.97 -13.67
N ILE B 32 1.21 6.62 -14.83
CA ILE B 32 1.50 8.05 -14.95
C ILE B 32 0.54 8.89 -14.12
N ASP B 33 -0.76 8.62 -14.21
CA ASP B 33 -1.73 9.30 -13.36
C ASP B 33 -1.45 9.12 -11.87
N GLY B 34 -0.63 8.13 -11.51
CA GLY B 34 -0.40 7.79 -10.12
C GLY B 34 -1.37 6.81 -9.54
N ASN B 35 -2.24 6.22 -10.35
CA ASN B 35 -3.31 5.36 -9.87
C ASN B 35 -3.02 3.94 -10.32
N THR B 36 -2.87 3.04 -9.35
CA THR B 36 -2.64 1.65 -9.69
C THR B 36 -3.88 1.08 -10.37
N TYR B 37 -3.62 0.30 -11.42
CA TYR B 37 -4.68 -0.16 -12.29
C TYR B 37 -4.82 -1.66 -12.23
N LEU B 38 -5.91 -2.08 -11.62
CA LEU B 38 -6.50 -3.39 -11.70
C LEU B 38 -7.95 -3.19 -11.31
N ASN B 39 -8.87 -3.67 -12.12
CA ASN B 39 -10.30 -3.40 -11.88
C ASN B 39 -11.01 -4.74 -11.83
N TRP B 40 -11.34 -5.23 -10.62
CA TRP B 40 -11.79 -6.59 -10.58
C TRP B 40 -13.15 -6.67 -11.27
N PHE B 41 -13.48 -7.84 -11.80
CA PHE B 41 -14.78 -8.01 -12.43
C PHE B 41 -15.21 -9.47 -12.31
N GLN B 42 -16.53 -9.68 -12.32
CA GLN B 42 -17.13 -10.99 -12.09
C GLN B 42 -18.01 -11.38 -13.27
N GLN B 43 -18.07 -12.69 -13.54
CA GLN B 43 -18.90 -13.26 -14.60
C GLN B 43 -19.71 -14.42 -14.04
N ARG B 44 -21.04 -14.47 -14.42
CA ARG B 44 -22.02 -15.49 -14.13
C ARG B 44 -22.17 -16.42 -15.33
N PRO B 45 -22.46 -17.70 -15.10
CA PRO B 45 -22.55 -18.65 -16.21
C PRO B 45 -23.55 -18.23 -17.27
N GLY B 46 -23.09 -18.08 -18.51
CA GLY B 46 -23.93 -17.60 -19.58
C GLY B 46 -24.28 -16.14 -19.51
N GLN B 47 -23.66 -15.38 -18.62
CA GLN B 47 -23.93 -13.97 -18.44
C GLN B 47 -22.65 -13.18 -18.67
N SER B 48 -22.75 -12.06 -19.40
CA SER B 48 -21.58 -11.24 -19.66
C SER B 48 -21.01 -10.70 -18.35
N PRO B 49 -19.70 -10.55 -18.25
CA PRO B 49 -19.09 -10.10 -16.98
C PRO B 49 -19.50 -8.67 -16.63
N ARG B 50 -19.25 -8.34 -15.35
CA ARG B 50 -19.57 -6.98 -14.84
C ARG B 50 -18.49 -6.65 -13.81
N ARG B 51 -17.93 -5.44 -13.86
CA ARG B 51 -16.80 -5.13 -12.95
C ARG B 51 -17.30 -4.81 -11.54
N LEU B 52 -16.38 -4.72 -10.59
CA LEU B 52 -16.78 -4.46 -9.18
C LEU B 52 -15.87 -3.41 -8.56
N ILE B 53 -14.58 -3.41 -8.91
CA ILE B 53 -13.68 -2.50 -8.22
C ILE B 53 -13.03 -1.59 -9.25
N TYR B 54 -12.83 -0.33 -8.91
CA TYR B 54 -12.20 0.62 -9.81
C TYR B 54 -10.87 1.04 -9.21
N ASN B 55 -9.84 1.09 -10.05
CA ASN B 55 -8.47 1.21 -9.56
C ASN B 55 -8.35 0.16 -8.46
N VAL B 56 -7.74 0.45 -7.33
CA VAL B 56 -7.63 -0.58 -6.33
C VAL B 56 -8.73 -0.48 -5.28
N PHE B 57 -9.30 0.70 -5.07
CA PHE B 57 -10.20 0.93 -3.95
C PHE B 57 -11.50 1.66 -4.29
N THR B 58 -11.94 1.62 -5.53
CA THR B 58 -13.24 2.21 -5.85
C THR B 58 -14.21 1.10 -6.22
N ARG B 59 -15.37 1.14 -5.57
CA ARG B 59 -16.45 0.19 -5.81
C ARG B 59 -17.33 0.69 -6.95
N ASP B 60 -17.69 -0.21 -7.87
CA ASP B 60 -18.60 0.20 -8.92
C ASP B 60 -19.89 0.67 -8.27
N SER B 61 -20.50 1.71 -8.84
CA SER B 61 -21.78 2.22 -8.30
C SER B 61 -22.70 1.05 -7.96
N GLY B 62 -22.80 0.06 -8.85
CA GLY B 62 -23.66 -1.11 -8.61
C GLY B 62 -22.90 -2.23 -7.93
N VAL B 63 -22.32 -1.96 -6.75
CA VAL B 63 -21.58 -3.00 -5.98
C VAL B 63 -21.97 -2.86 -4.49
N PRO B 64 -22.48 -3.93 -3.85
CA PRO B 64 -22.83 -3.89 -2.43
C PRO B 64 -21.57 -3.67 -1.61
N ASP B 65 -21.76 -3.13 -0.41
CA ASP B 65 -20.63 -2.81 0.45
C ASP B 65 -19.87 -4.06 0.86
N ARG B 66 -20.42 -5.24 0.59
CA ARG B 66 -19.73 -6.48 0.93
C ARG B 66 -18.46 -6.65 0.10
N PHE B 67 -18.48 -6.27 -1.17
CA PHE B 67 -17.36 -6.50 -2.08
C PHE B 67 -16.27 -5.47 -1.78
N SER B 68 -15.18 -5.89 -1.14
CA SER B 68 -14.09 -5.00 -0.74
C SER B 68 -12.83 -5.38 -1.50
N GLY B 69 -12.20 -4.38 -2.13
CA GLY B 69 -10.98 -4.58 -2.88
C GLY B 69 -9.79 -3.95 -2.16
N SER B 70 -8.74 -4.75 -1.98
CA SER B 70 -7.54 -4.30 -1.29
C SER B 70 -6.30 -4.51 -2.15
N GLY B 71 -5.13 -4.41 -1.56
CA GLY B 71 -3.88 -4.71 -2.23
C GLY B 71 -3.01 -3.47 -2.44
N SER B 72 -1.72 -3.72 -2.62
CA SER B 72 -0.74 -2.65 -2.83
C SER B 72 0.53 -3.25 -3.42
N GLY B 73 1.07 -2.56 -4.43
CA GLY B 73 2.33 -2.97 -5.05
C GLY B 73 2.16 -3.96 -6.19
N THR B 74 2.41 -5.24 -5.90
CA THR B 74 2.24 -6.31 -6.88
C THR B 74 1.27 -7.40 -6.45
N ASP B 75 1.02 -7.55 -5.15
CA ASP B 75 0.10 -8.55 -4.62
C ASP B 75 -1.18 -7.86 -4.13
N PHE B 76 -2.33 -8.36 -4.56
CA PHE B 76 -3.59 -7.69 -4.39
C PHE B 76 -4.65 -8.72 -4.07
N THR B 77 -5.67 -8.32 -3.32
CA THR B 77 -6.70 -9.26 -2.89
C THR B 77 -8.08 -8.63 -3.03
N LEU B 78 -9.09 -9.49 -2.96
CA LEU B 78 -10.49 -9.10 -3.06
C LEU B 78 -11.28 -9.97 -2.09
N LYS B 79 -11.85 -9.35 -1.04
CA LYS B 79 -12.56 -10.08 0.01
C LYS B 79 -14.02 -9.67 0.02
N ILE B 80 -14.91 -10.65 0.13
CA ILE B 80 -16.36 -10.40 0.11
C ILE B 80 -16.97 -10.95 1.38
N THR B 81 -17.50 -10.06 2.23
CA THR B 81 -18.09 -10.46 3.49
C THR B 81 -19.45 -11.12 3.27
N THR B 82 -19.73 -12.12 4.08
CA THR B 82 -20.97 -12.90 4.03
C THR B 82 -21.37 -13.22 2.59
N VAL B 83 -20.52 -14.02 1.96
CA VAL B 83 -20.67 -14.36 0.55
C VAL B 83 -22.10 -14.85 0.30
N GLU B 84 -22.81 -14.18 -0.60
CA GLU B 84 -24.20 -14.50 -0.87
C GLU B 84 -24.28 -15.47 -2.05
N ALA B 85 -25.50 -15.65 -2.57
CA ALA B 85 -25.73 -16.64 -3.61
C ALA B 85 -25.20 -16.17 -4.95
N GLU B 86 -25.72 -15.03 -5.44
CA GLU B 86 -25.30 -14.53 -6.75
C GLU B 86 -23.82 -14.22 -6.80
N ASP B 87 -23.18 -14.03 -5.65
CA ASP B 87 -21.74 -13.83 -5.60
C ASP B 87 -20.97 -14.99 -6.22
N VAL B 88 -21.57 -16.17 -6.29
CA VAL B 88 -20.91 -17.31 -6.92
C VAL B 88 -20.69 -17.03 -8.40
N GLY B 89 -19.51 -17.40 -8.90
CA GLY B 89 -19.20 -17.22 -10.29
C GLY B 89 -17.70 -17.22 -10.51
N VAL B 90 -17.30 -16.80 -11.71
CA VAL B 90 -15.88 -16.76 -12.09
C VAL B 90 -15.38 -15.33 -11.96
N TYR B 91 -14.16 -15.18 -11.44
CA TYR B 91 -13.49 -13.90 -11.23
C TYR B 91 -12.16 -13.92 -11.97
N TYR B 92 -11.60 -12.72 -12.17
CA TYR B 92 -10.48 -12.51 -13.07
C TYR B 92 -9.71 -11.27 -12.60
N CYS B 93 -8.39 -11.29 -12.78
CA CYS B 93 -7.56 -10.10 -12.59
C CYS B 93 -7.86 -9.11 -13.72
N MET B 94 -7.20 -7.97 -13.69
CA MET B 94 -7.48 -6.96 -14.69
C MET B 94 -6.17 -6.39 -15.21
N GLN B 95 -6.34 -5.51 -16.18
CA GLN B 95 -5.27 -4.94 -16.97
C GLN B 95 -4.13 -4.51 -16.07
N GLY B 96 -2.96 -5.00 -16.39
CA GLY B 96 -1.75 -4.35 -15.93
C GLY B 96 -1.51 -3.09 -16.74
N THR B 97 -0.95 -2.08 -16.08
CA THR B 97 -0.69 -0.81 -16.74
C THR B 97 0.08 -0.96 -18.05
N HIS B 98 0.83 -2.06 -18.17
CA HIS B 98 1.52 -2.37 -19.45
C HIS B 98 0.54 -2.85 -20.52
N TRP B 99 0.46 -2.14 -21.65
CA TRP B 99 -0.53 -2.47 -22.72
C TRP B 99 -0.70 -3.98 -22.90
N PRO B 100 0.36 -4.82 -23.01
CA PRO B 100 0.16 -6.26 -23.05
C PRO B 100 -0.35 -6.26 -21.60
N TYR B 101 -1.65 -6.50 -21.40
CA TYR B 101 -2.21 -6.46 -20.08
C TYR B 101 -2.86 -7.83 -20.07
N THR B 102 -3.02 -8.38 -18.88
CA THR B 102 -3.31 -9.79 -18.73
C THR B 102 -4.47 -9.97 -17.76
N PHE B 103 -5.54 -10.63 -18.21
CA PHE B 103 -6.63 -10.94 -17.30
C PHE B 103 -6.23 -12.00 -16.28
N GLY B 104 -5.32 -12.89 -16.65
CA GLY B 104 -4.95 -13.98 -15.77
C GLY B 104 -5.86 -15.19 -15.90
N GLN B 105 -5.75 -16.08 -14.92
CA GLN B 105 -6.61 -17.26 -14.85
C GLN B 105 -7.93 -16.86 -14.19
N GLY B 106 -8.76 -17.85 -13.86
CA GLY B 106 -10.06 -17.57 -13.27
C GLY B 106 -10.23 -18.16 -11.88
N THR B 107 -11.15 -17.62 -11.09
CA THR B 107 -11.43 -18.15 -9.75
C THR B 107 -12.93 -18.36 -9.57
N LYS B 108 -13.32 -19.56 -9.14
CA LYS B 108 -14.71 -19.97 -8.99
C LYS B 108 -15.15 -20.10 -7.54
N LEU B 109 -16.45 -19.88 -7.29
CA LEU B 109 -17.04 -19.90 -5.96
C LEU B 109 -18.06 -21.03 -5.81
N GLU B 110 -18.32 -21.43 -4.56
CA GLU B 110 -19.29 -22.47 -4.25
C GLU B 110 -20.24 -21.95 -3.17
N ILE B 111 -21.45 -22.53 -3.15
CA ILE B 111 -22.51 -22.04 -2.28
C ILE B 111 -22.16 -22.25 -0.81
N LYS B 112 -21.82 -23.48 -0.43
CA LYS B 112 -21.58 -23.78 0.98
C LYS B 112 -20.58 -24.93 1.06
N ARG B 113 -19.42 -24.67 1.67
CA ARG B 113 -18.39 -25.71 1.81
C ARG B 113 -18.76 -26.77 2.84
N ALA B 114 -19.95 -26.67 3.46
CA ALA B 114 -20.41 -27.68 4.41
C ALA B 114 -21.74 -28.29 3.98
N GLN C 1 -29.51 4.13 -21.43
CA GLN C 1 -28.35 4.24 -20.56
C GLN C 1 -27.27 3.27 -20.99
N VAL C 2 -27.32 2.07 -20.43
CA VAL C 2 -26.33 1.04 -20.71
C VAL C 2 -26.90 0.20 -21.85
N GLN C 3 -26.45 0.48 -23.08
CA GLN C 3 -26.93 -0.23 -24.25
C GLN C 3 -25.75 -0.55 -25.15
N LEU C 4 -25.16 -1.73 -24.98
CA LEU C 4 -24.08 -2.23 -25.84
C LEU C 4 -24.58 -3.50 -26.51
N VAL C 5 -25.03 -3.39 -27.77
CA VAL C 5 -25.72 -4.47 -28.44
C VAL C 5 -24.77 -5.18 -29.40
N GLN C 6 -24.41 -6.41 -29.10
CA GLN C 6 -23.51 -7.13 -29.98
C GLN C 6 -24.29 -7.72 -31.15
N SER C 7 -23.57 -8.29 -32.10
CA SER C 7 -24.19 -8.88 -33.28
C SER C 7 -24.69 -10.28 -32.97
N GLY C 8 -25.35 -10.88 -33.96
CA GLY C 8 -25.91 -12.20 -33.78
C GLY C 8 -24.86 -13.30 -33.86
N ALA C 9 -25.26 -14.49 -33.40
CA ALA C 9 -24.36 -15.63 -33.39
C ALA C 9 -23.97 -16.02 -34.81
N GLU C 10 -22.71 -16.42 -34.99
CA GLU C 10 -22.17 -16.65 -36.31
C GLU C 10 -21.42 -17.99 -36.38
N VAL C 11 -21.58 -18.66 -37.52
CA VAL C 11 -21.07 -20.01 -37.75
C VAL C 11 -20.35 -20.02 -39.09
N LYS C 12 -19.07 -20.38 -39.09
CA LYS C 12 -18.27 -20.39 -40.33
C LYS C 12 -17.28 -21.55 -40.29
N LYS C 13 -16.55 -21.70 -41.38
CA LYS C 13 -15.54 -22.73 -41.58
C LYS C 13 -14.15 -22.13 -41.49
N PRO C 14 -13.13 -22.93 -41.19
CA PRO C 14 -11.77 -22.39 -41.06
C PRO C 14 -11.30 -21.72 -42.35
N GLY C 15 -10.71 -20.54 -42.19
CA GLY C 15 -10.15 -19.81 -43.31
C GLY C 15 -11.06 -18.78 -43.94
N ALA C 16 -12.21 -18.51 -43.34
CA ALA C 16 -13.13 -17.50 -43.84
C ALA C 16 -13.11 -16.29 -42.91
N SER C 17 -13.37 -15.11 -43.45
CA SER C 17 -13.34 -13.89 -42.65
C SER C 17 -14.59 -13.79 -41.79
N VAL C 18 -14.45 -13.27 -40.56
CA VAL C 18 -15.58 -13.10 -39.66
C VAL C 18 -15.67 -11.62 -39.26
N LYS C 19 -16.91 -11.14 -39.12
CA LYS C 19 -17.20 -9.74 -38.80
C LYS C 19 -18.27 -9.66 -37.72
N VAL C 20 -17.90 -9.11 -36.57
CA VAL C 20 -18.78 -8.90 -35.42
C VAL C 20 -18.99 -7.41 -35.24
N SER C 21 -20.19 -7.03 -34.82
CA SER C 21 -20.57 -5.63 -34.71
C SER C 21 -21.13 -5.37 -33.32
N CYS C 22 -20.80 -4.20 -32.78
CA CYS C 22 -21.29 -3.77 -31.47
C CYS C 22 -21.82 -2.35 -31.59
N LYS C 23 -23.15 -2.25 -31.48
CA LYS C 23 -23.92 -1.03 -31.41
C LYS C 23 -23.93 -0.47 -29.99
N ALA C 24 -24.32 0.79 -29.86
CA ALA C 24 -24.31 1.48 -28.58
C ALA C 24 -25.17 2.72 -28.69
N SER C 25 -25.92 3.00 -27.64
CA SER C 25 -26.85 4.13 -27.64
C SER C 25 -26.65 4.96 -26.38
N GLY C 26 -27.35 6.08 -26.36
CA GLY C 26 -27.18 7.08 -25.34
C GLY C 26 -26.14 8.10 -25.74
N TYR C 27 -25.76 8.89 -24.75
CA TYR C 27 -24.65 9.82 -24.89
C TYR C 27 -23.32 9.16 -24.57
N SER C 28 -23.31 7.84 -24.46
CA SER C 28 -22.10 7.10 -24.14
C SER C 28 -21.08 7.11 -25.26
N PHE C 29 -21.46 7.53 -26.46
CA PHE C 29 -20.52 7.66 -27.55
C PHE C 29 -20.19 9.15 -27.56
N SER C 30 -19.17 9.54 -26.81
CA SER C 30 -18.58 10.86 -26.90
C SER C 30 -17.25 10.79 -27.63
N SER C 31 -17.25 10.06 -28.74
CA SER C 31 -16.04 9.58 -29.40
C SER C 31 -15.20 8.70 -28.47
N TYR C 32 -15.83 8.04 -27.51
CA TYR C 32 -15.09 7.17 -26.62
C TYR C 32 -14.69 5.89 -27.35
N GLY C 33 -13.81 5.11 -26.71
CA GLY C 33 -13.25 3.92 -27.32
C GLY C 33 -14.01 2.64 -26.98
N ILE C 34 -13.69 1.58 -27.73
CA ILE C 34 -14.31 0.27 -27.56
C ILE C 34 -13.23 -0.80 -27.73
N SER C 35 -13.17 -1.72 -26.78
CA SER C 35 -12.29 -2.87 -26.85
C SER C 35 -13.10 -4.17 -26.88
N TRP C 36 -12.45 -5.21 -27.38
CA TRP C 36 -13.06 -6.50 -27.62
C TRP C 36 -12.20 -7.57 -26.97
N VAL C 37 -12.85 -8.52 -26.29
CA VAL C 37 -12.10 -9.62 -25.59
C VAL C 37 -12.50 -11.01 -26.07
N ARG C 38 -11.58 -11.98 -25.99
CA ARG C 38 -11.88 -13.40 -26.37
C ARG C 38 -12.18 -14.34 -25.21
N GLN C 39 -13.17 -15.23 -25.35
CA GLN C 39 -13.48 -16.21 -24.28
C GLN C 39 -13.59 -17.61 -24.89
N ALA C 40 -12.51 -18.40 -24.82
CA ALA C 40 -12.52 -19.74 -25.37
C ALA C 40 -13.50 -20.59 -24.55
N PRO C 41 -14.08 -21.63 -25.15
CA PRO C 41 -15.05 -22.45 -24.42
C PRO C 41 -14.50 -22.96 -23.09
N GLY C 42 -15.09 -22.48 -21.99
CA GLY C 42 -14.72 -22.89 -20.65
C GLY C 42 -13.67 -22.03 -19.99
N GLN C 43 -12.79 -21.41 -20.77
CA GLN C 43 -11.69 -20.59 -20.26
C GLN C 43 -11.51 -19.36 -21.14
N GLY C 44 -11.49 -18.18 -20.51
CA GLY C 44 -11.32 -16.93 -21.21
C GLY C 44 -9.89 -16.63 -21.61
N LEU C 45 -9.75 -15.80 -22.64
CA LEU C 45 -8.44 -15.35 -23.09
C LEU C 45 -8.30 -13.87 -22.74
N GLU C 46 -7.12 -13.35 -23.01
CA GLU C 46 -6.87 -11.97 -22.69
C GLU C 46 -7.51 -11.12 -23.77
N TRP C 47 -7.36 -9.82 -23.63
CA TRP C 47 -7.97 -8.90 -24.57
C TRP C 47 -7.63 -9.26 -26.00
N MET C 48 -8.57 -8.96 -26.90
CA MET C 48 -8.36 -9.09 -28.33
C MET C 48 -7.87 -7.81 -28.96
N GLY C 49 -8.54 -6.68 -28.72
CA GLY C 49 -8.05 -5.44 -29.33
C GLY C 49 -8.89 -4.25 -28.93
N TRP C 50 -8.41 -3.07 -29.29
CA TRP C 50 -9.12 -1.86 -28.88
C TRP C 50 -8.98 -0.80 -29.95
N ILE C 51 -9.97 0.10 -29.99
CA ILE C 51 -10.00 1.19 -30.97
C ILE C 51 -10.59 2.48 -30.41
N SER C 52 -10.03 3.62 -30.81
CA SER C 52 -10.47 4.95 -30.39
C SER C 52 -11.30 5.71 -31.41
N ALA C 53 -12.53 6.07 -31.04
CA ALA C 53 -13.38 6.81 -31.96
C ALA C 53 -12.80 8.21 -32.15
N TYR C 54 -12.32 8.83 -31.06
CA TYR C 54 -11.74 10.18 -31.16
C TYR C 54 -10.58 10.20 -32.14
N ASN C 55 -9.56 9.38 -31.87
CA ASN C 55 -8.38 9.31 -32.77
C ASN C 55 -8.33 7.90 -33.36
N GLY C 56 -8.55 7.78 -34.68
CA GLY C 56 -8.56 6.47 -35.33
C GLY C 56 -7.28 5.83 -34.82
N ASN C 57 -7.39 4.68 -34.14
CA ASN C 57 -6.18 4.01 -33.59
C ASN C 57 -6.64 2.61 -33.13
N THR C 58 -5.83 1.58 -33.40
CA THR C 58 -6.15 0.22 -32.99
C THR C 58 -4.94 -0.45 -32.37
N ASN C 59 -5.17 -1.14 -31.26
CA ASN C 59 -4.16 -1.96 -30.63
C ASN C 59 -4.62 -3.41 -30.70
N TYR C 60 -3.80 -4.27 -31.33
CA TYR C 60 -4.23 -5.68 -31.52
C TYR C 60 -3.42 -6.60 -30.59
N ALA C 61 -3.99 -7.77 -30.27
CA ALA C 61 -3.26 -8.74 -29.41
C ALA C 61 -2.14 -9.40 -30.23
N GLN C 62 -1.17 -10.01 -29.54
CA GLN C 62 -0.02 -10.66 -30.24
C GLN C 62 -0.51 -11.91 -30.97
N LYS C 63 0.34 -12.51 -31.81
CA LYS C 63 -0.01 -13.75 -32.58
C LYS C 63 -1.45 -13.80 -33.08
N LEU C 64 -2.01 -12.66 -33.49
CA LEU C 64 -3.41 -12.65 -34.01
C LEU C 64 -2.93 -11.59 -35.02
N GLN C 65 -1.76 -10.99 -34.78
CA GLN C 65 -1.30 -9.93 -35.68
C GLN C 65 -1.22 -10.51 -37.09
N GLY C 66 -2.12 -10.07 -37.95
CA GLY C 66 -2.14 -10.55 -39.32
C GLY C 66 -3.54 -10.99 -39.71
N ARG C 67 -4.44 -11.06 -38.73
CA ARG C 67 -5.80 -11.48 -38.99
C ARG C 67 -6.85 -10.54 -38.43
N VAL C 68 -6.52 -9.78 -37.38
CA VAL C 68 -7.48 -8.95 -36.68
C VAL C 68 -7.47 -7.56 -37.29
N THR C 69 -8.64 -7.13 -37.76
CA THR C 69 -8.85 -5.80 -38.32
C THR C 69 -10.10 -5.24 -37.67
N MET C 70 -10.02 -4.02 -37.16
CA MET C 70 -11.10 -3.44 -36.37
C MET C 70 -11.45 -2.08 -36.92
N THR C 71 -12.73 -1.73 -36.88
CA THR C 71 -13.18 -0.44 -37.40
C THR C 71 -14.21 0.18 -36.46
N THR C 72 -14.52 1.45 -36.75
CA THR C 72 -15.55 2.20 -36.03
C THR C 72 -16.29 3.09 -36.99
N ASP C 73 -17.60 3.09 -36.87
CA ASP C 73 -18.47 3.99 -37.60
C ASP C 73 -18.99 4.96 -36.57
N THR C 74 -18.42 6.17 -36.54
CA THR C 74 -18.84 7.20 -35.59
C THR C 74 -20.26 7.66 -35.86
N SER C 75 -20.68 7.65 -37.13
CA SER C 75 -22.02 8.08 -37.46
C SER C 75 -23.09 7.16 -36.86
N THR C 76 -22.83 5.86 -36.80
CA THR C 76 -23.76 4.94 -36.16
C THR C 76 -23.31 4.53 -34.77
N SER C 77 -22.19 5.07 -34.28
CA SER C 77 -21.63 4.70 -32.99
C SER C 77 -21.47 3.19 -32.86
N THR C 78 -20.86 2.57 -33.87
CA THR C 78 -20.77 1.12 -33.93
C THR C 78 -19.32 0.70 -34.10
N ALA C 79 -18.90 -0.34 -33.37
CA ALA C 79 -17.57 -0.88 -33.60
C ALA C 79 -17.66 -2.25 -34.27
N TYR C 80 -16.54 -2.64 -34.90
CA TYR C 80 -16.50 -3.85 -35.71
C TYR C 80 -15.18 -4.57 -35.51
N MET C 81 -15.28 -5.88 -35.23
CA MET C 81 -14.16 -6.82 -35.21
C MET C 81 -14.20 -7.71 -36.43
N GLU C 82 -13.06 -7.95 -37.05
CA GLU C 82 -13.01 -8.78 -38.25
C GLU C 82 -11.77 -9.66 -38.16
N LEU C 83 -11.97 -10.96 -38.06
CA LEU C 83 -10.85 -11.87 -37.93
C LEU C 83 -10.79 -12.61 -39.27
N ARG C 84 -9.64 -12.57 -39.92
CA ARG C 84 -9.48 -13.37 -41.17
C ARG C 84 -8.78 -14.68 -40.81
N SER C 85 -8.61 -15.59 -41.77
CA SER C 85 -7.88 -16.89 -41.51
C SER C 85 -8.44 -17.64 -40.32
N LEU C 86 -9.75 -17.86 -40.28
CA LEU C 86 -10.39 -18.55 -39.10
C LEU C 86 -9.76 -19.88 -38.74
N ARG C 87 -9.72 -20.21 -37.45
CA ARG C 87 -9.20 -21.48 -36.98
C ARG C 87 -10.20 -22.22 -36.11
N SER C 88 -10.04 -23.54 -36.04
CA SER C 88 -10.86 -24.35 -35.14
C SER C 88 -10.54 -23.98 -33.70
N ASP C 89 -9.27 -23.67 -33.42
CA ASP C 89 -8.91 -23.19 -32.09
C ASP C 89 -9.55 -21.84 -31.80
N ASP C 90 -9.79 -21.04 -32.84
CA ASP C 90 -10.38 -19.71 -32.66
C ASP C 90 -11.84 -19.78 -32.24
N THR C 91 -12.50 -20.92 -32.38
CA THR C 91 -13.88 -21.10 -31.94
C THR C 91 -14.08 -20.64 -30.50
N ALA C 92 -14.88 -19.59 -30.31
CA ALA C 92 -14.97 -18.99 -28.99
C ALA C 92 -16.13 -18.00 -28.95
N VAL C 93 -16.40 -17.50 -27.74
CA VAL C 93 -17.44 -16.52 -27.49
C VAL C 93 -16.81 -15.16 -27.31
N PHE C 94 -17.19 -14.19 -28.15
CA PHE C 94 -16.54 -12.90 -28.05
C PHE C 94 -17.37 -11.97 -27.17
N TYR C 95 -16.88 -10.73 -27.00
CA TYR C 95 -17.50 -9.78 -26.10
C TYR C 95 -16.96 -8.39 -26.41
N CYS C 96 -17.79 -7.38 -26.15
CA CYS C 96 -17.42 -5.96 -26.29
C CYS C 96 -17.42 -5.28 -24.94
N ALA C 97 -16.69 -4.15 -24.87
CA ALA C 97 -16.65 -3.35 -23.66
C ALA C 97 -16.15 -1.94 -23.90
N ARG C 98 -16.57 -1.02 -23.02
CA ARG C 98 -16.19 0.37 -23.14
C ARG C 98 -14.71 0.58 -22.88
N ASP C 99 -14.21 1.75 -23.24
CA ASP C 99 -12.79 2.05 -23.10
C ASP C 99 -12.66 3.54 -23.39
N ARG C 100 -11.57 4.12 -22.91
CA ARG C 100 -11.42 5.56 -23.03
C ARG C 100 -10.60 5.84 -24.29
N PRO C 101 -10.92 6.88 -25.06
CA PRO C 101 -10.40 6.96 -26.42
C PRO C 101 -9.01 7.57 -26.58
N HIS C 102 -8.61 8.50 -25.76
CA HIS C 102 -7.26 9.02 -25.90
C HIS C 102 -6.39 8.51 -24.76
N ILE C 103 -5.10 8.38 -25.07
CA ILE C 103 -4.17 7.81 -24.11
C ILE C 103 -3.93 8.76 -22.95
N LEU C 104 -4.44 9.98 -23.03
CA LEU C 104 -4.19 10.92 -21.95
C LEU C 104 -5.02 10.52 -20.72
N THR C 105 -5.86 9.46 -20.82
CA THR C 105 -6.95 9.19 -19.89
C THR C 105 -6.93 7.77 -19.29
N GLY C 106 -6.31 6.79 -19.93
CA GLY C 106 -6.25 5.47 -19.28
C GLY C 106 -7.33 4.60 -19.86
N PHE C 107 -8.07 3.88 -19.00
CA PHE C 107 -9.08 2.92 -19.44
C PHE C 107 -10.26 2.83 -18.49
N ASP C 108 -11.42 2.54 -19.05
CA ASP C 108 -12.60 2.27 -18.23
C ASP C 108 -13.53 1.32 -18.97
N PHE C 109 -13.82 0.19 -18.36
CA PHE C 109 -14.73 -0.76 -18.93
C PHE C 109 -15.97 -0.63 -18.08
N ASP C 110 -16.82 0.35 -18.39
CA ASP C 110 -18.09 0.48 -17.68
C ASP C 110 -19.21 -0.32 -18.30
N TYR C 111 -19.22 -0.60 -19.60
CA TYR C 111 -20.33 -1.40 -20.12
C TYR C 111 -19.83 -2.71 -20.73
N TRP C 112 -20.76 -3.57 -21.13
CA TRP C 112 -20.42 -4.87 -21.69
C TRP C 112 -21.43 -5.22 -22.78
N GLY C 113 -21.09 -6.21 -23.60
CA GLY C 113 -21.91 -6.58 -24.72
C GLY C 113 -22.71 -7.84 -24.46
N GLN C 114 -23.73 -8.04 -25.31
CA GLN C 114 -24.62 -9.18 -25.16
C GLN C 114 -23.93 -10.51 -25.46
N GLY C 115 -22.71 -10.50 -25.98
CA GLY C 115 -22.06 -11.74 -26.33
C GLY C 115 -22.40 -12.19 -27.73
N THR C 116 -21.39 -12.67 -28.45
CA THR C 116 -21.60 -13.19 -29.79
C THR C 116 -20.83 -14.51 -29.88
N LEU C 117 -21.56 -15.60 -30.07
CA LEU C 117 -20.94 -16.91 -30.25
C LEU C 117 -20.32 -16.98 -31.64
N VAL C 118 -19.09 -17.50 -31.73
CA VAL C 118 -18.50 -17.71 -33.04
C VAL C 118 -17.97 -19.13 -33.08
N THR C 119 -18.52 -19.95 -33.98
CA THR C 119 -18.09 -21.33 -34.16
C THR C 119 -17.37 -21.50 -35.49
N VAL C 120 -16.23 -22.19 -35.45
CA VAL C 120 -15.34 -22.36 -36.60
C VAL C 120 -14.95 -23.83 -36.71
N SER C 121 -15.53 -24.54 -37.67
CA SER C 121 -15.13 -25.92 -37.97
C SER C 121 -15.71 -26.38 -39.31
N GLY D 1 1.49 26.95 -48.99
CA GLY D 1 1.32 25.53 -49.13
C GLY D 1 0.62 24.88 -47.94
N ASP D 2 0.77 23.57 -47.83
CA ASP D 2 0.23 22.79 -46.72
C ASP D 2 1.30 22.63 -45.64
N THR D 3 0.85 22.46 -44.39
CA THR D 3 1.75 22.49 -43.25
C THR D 3 1.44 21.36 -42.29
N LEU D 4 2.43 20.51 -42.04
CA LEU D 4 2.37 19.49 -40.99
C LEU D 4 3.41 19.83 -39.93
N CYS D 5 2.93 20.01 -38.69
CA CYS D 5 3.76 20.42 -37.56
C CYS D 5 3.82 19.33 -36.50
N ILE D 6 4.98 19.27 -35.83
CA ILE D 6 5.21 18.35 -34.72
C ILE D 6 5.18 19.16 -33.43
N GLY D 7 4.45 18.67 -32.43
CA GLY D 7 4.30 19.40 -31.17
C GLY D 7 3.99 18.48 -30.00
N TYR D 8 4.16 19.02 -28.79
CA TYR D 8 3.86 18.27 -27.58
C TYR D 8 2.55 18.77 -26.97
N HIS D 9 2.20 18.20 -25.82
CA HIS D 9 0.90 18.46 -25.21
C HIS D 9 1.03 19.50 -24.09
N ALA D 10 0.01 20.35 -24.01
CA ALA D 10 -0.04 21.31 -22.89
C ALA D 10 -1.44 21.12 -22.32
N ASN D 11 -1.58 21.23 -21.00
CA ASN D 11 -2.90 21.09 -20.34
C ASN D 11 -3.16 22.34 -19.51
N ASN D 12 -3.38 22.17 -18.20
CA ASN D 12 -3.65 23.32 -17.29
C ASN D 12 -3.03 23.00 -15.94
N SER D 13 -2.75 21.72 -15.69
CA SER D 13 -2.12 21.29 -14.42
C SER D 13 -0.84 22.09 -14.18
N THR D 14 -0.68 22.66 -12.98
CA THR D 14 0.50 23.53 -12.73
C THR D 14 1.31 22.96 -11.57
N ASP D 15 0.61 21.85 -11.15
CA ASP D 15 1.42 21.09 -10.20
C ASP D 15 2.84 21.24 -10.74
N THR D 16 3.76 21.61 -9.88
CA THR D 16 5.14 21.83 -10.28
C THR D 16 5.94 20.73 -9.58
N VAL D 17 7.04 20.34 -10.21
CA VAL D 17 7.96 19.39 -9.64
C VAL D 17 9.28 20.12 -9.66
N ASP D 18 10.27 19.55 -8.98
CA ASP D 18 11.62 20.09 -8.99
C ASP D 18 12.63 19.11 -9.58
N THR D 19 13.60 19.62 -10.34
CA THR D 19 14.54 18.70 -11.01
C THR D 19 15.94 18.82 -10.39
N LEU D 20 16.90 18.05 -10.89
CA LEU D 20 18.26 18.07 -10.29
C LEU D 20 18.91 19.42 -10.58
N LEU D 21 18.49 20.10 -11.65
CA LEU D 21 19.03 21.46 -11.90
C LEU D 21 17.91 22.48 -11.66
N GLU D 22 16.95 22.56 -12.59
CA GLU D 22 15.87 23.57 -12.46
C GLU D 22 14.83 23.10 -11.46
N LYS D 23 14.01 24.02 -10.95
CA LYS D 23 12.98 23.67 -9.98
C LYS D 23 11.65 24.24 -10.42
N ASN D 24 10.62 24.07 -9.58
CA ASN D 24 9.25 24.52 -9.83
C ASN D 24 8.88 24.44 -11.31
N VAL D 25 9.18 23.32 -11.94
CA VAL D 25 8.88 23.12 -13.35
C VAL D 25 7.43 22.71 -13.46
N THR D 26 6.61 23.54 -14.10
CA THR D 26 5.19 23.22 -14.27
C THR D 26 5.06 22.10 -15.29
N VAL D 27 4.72 20.92 -14.82
CA VAL D 27 4.57 19.77 -15.68
C VAL D 27 3.10 19.55 -15.96
N THR D 28 2.81 18.92 -17.10
CA THR D 28 1.45 18.58 -17.46
C THR D 28 0.86 17.56 -16.48
N HIS D 29 1.70 16.66 -15.94
CA HIS D 29 1.22 15.59 -15.09
C HIS D 29 2.30 15.26 -14.06
N SER D 30 1.87 14.92 -12.85
CA SER D 30 2.81 14.61 -11.78
C SER D 30 2.09 13.82 -10.71
N VAL D 31 2.83 12.96 -10.04
CA VAL D 31 2.32 12.18 -8.93
C VAL D 31 2.91 12.76 -7.65
N ASN D 32 2.13 12.74 -6.59
CA ASN D 32 2.67 13.09 -5.28
C ASN D 32 3.16 11.81 -4.63
N LEU D 33 4.44 11.75 -4.33
CA LEU D 33 4.99 10.59 -3.66
C LEU D 33 4.94 10.73 -2.15
N LEU D 34 4.77 11.94 -1.64
CA LEU D 34 4.82 12.22 -0.23
C LEU D 34 3.39 12.30 0.32
N GLU D 35 3.08 11.41 1.26
CA GLU D 35 1.77 11.39 1.91
C GLU D 35 1.76 12.46 2.99
N ASP D 36 1.08 13.56 2.74
CA ASP D 36 1.03 14.68 3.67
C ASP D 36 -0.39 15.22 3.76
N LYS D 37 -1.33 14.34 4.10
CA LYS D 37 -2.73 14.71 4.16
C LYS D 37 -3.11 15.06 5.61
N HIS D 38 -4.42 15.30 5.81
CA HIS D 38 -4.98 15.68 7.10
C HIS D 38 -4.91 14.50 8.06
N ASN D 39 -3.99 14.56 9.03
CA ASN D 39 -3.88 13.57 10.11
C ASN D 39 -5.26 13.21 10.66
N GLY D 40 -6.12 14.23 10.70
CA GLY D 40 -7.53 14.12 11.09
C GLY D 40 -7.74 13.38 12.39
N LYS D 41 -6.93 13.71 13.41
CA LYS D 41 -6.89 13.00 14.68
C LYS D 41 -6.56 11.50 14.40
N ILE D 44 -16.51 -0.71 18.54
CA ILE D 44 -17.05 0.18 17.47
C ILE D 44 -16.01 0.30 16.36
N ASN D 45 -16.37 0.94 15.23
CA ASN D 45 -15.43 1.10 14.08
C ASN D 45 -14.69 -0.21 13.86
N GLY D 46 -13.36 -0.18 13.87
CA GLY D 46 -12.57 -1.42 13.74
C GLY D 46 -12.35 -2.04 15.10
N LYS D 47 -11.17 -1.83 15.70
CA LYS D 47 -10.94 -2.33 17.05
C LYS D 47 -10.65 -1.15 17.95
N GLN D 48 -10.98 -1.30 19.24
CA GLN D 48 -10.88 -0.14 20.12
C GLN D 48 -9.65 -0.20 21.01
N PRO D 49 -9.05 0.95 21.23
CA PRO D 49 -7.80 1.00 21.99
C PRO D 49 -7.99 1.32 23.46
N ILE D 50 -6.90 1.51 24.21
CA ILE D 50 -6.99 1.80 25.63
C ILE D 50 -5.99 2.89 26.00
N SER D 51 -6.23 3.53 27.13
CA SER D 51 -5.39 4.61 27.65
C SER D 51 -4.83 4.24 29.01
N LEU D 52 -3.53 4.43 29.18
CA LEU D 52 -2.88 4.19 30.46
C LEU D 52 -3.08 5.33 31.46
N GLY D 53 -3.85 6.35 31.05
CA GLY D 53 -4.13 7.49 31.94
C GLY D 53 -2.86 8.05 32.56
N ASP D 54 -2.95 8.59 33.79
CA ASP D 54 -1.78 9.21 34.44
C ASP D 54 -0.73 8.14 34.79
N CYS D 55 -1.00 6.87 34.45
CA CYS D 55 -0.05 5.77 34.70
C CYS D 55 0.82 5.41 33.51
N SER D 56 2.03 4.89 33.74
CA SER D 56 2.92 4.50 32.67
C SER D 56 2.72 3.01 32.37
N PHE D 57 3.51 2.49 31.43
CA PHE D 57 3.50 1.05 31.16
C PHE D 57 3.86 0.29 32.43
N ALA D 58 4.89 0.76 33.13
CA ALA D 58 5.21 0.23 34.45
C ALA D 58 4.03 0.42 35.40
N GLY D 59 3.42 1.60 35.41
CA GLY D 59 2.23 1.79 36.23
C GLY D 59 1.09 0.90 35.79
N TRP D 60 1.02 0.61 34.50
CA TRP D 60 -0.06 -0.20 33.94
C TRP D 60 0.11 -1.69 34.22
N ILE D 61 1.32 -2.13 34.54
CA ILE D 61 1.57 -3.55 34.75
C ILE D 61 2.01 -3.88 36.16
N LEU D 62 2.54 -2.92 36.92
CA LEU D 62 3.04 -3.17 38.26
C LEU D 62 1.94 -3.14 39.30
N GLY D 63 0.77 -2.64 38.95
CA GLY D 63 -0.32 -2.55 39.90
C GLY D 63 -0.19 -1.38 40.85
N ASN D 64 0.43 -0.30 40.41
CA ASN D 64 0.51 0.92 41.19
C ASN D 64 -0.88 1.28 41.72
N PRO D 65 -1.04 1.44 43.03
CA PRO D 65 -2.40 1.57 43.58
C PRO D 65 -3.29 2.55 42.81
N MET D 66 -2.75 3.71 42.47
CA MET D 66 -3.54 4.70 41.75
C MET D 66 -3.96 4.21 40.36
N CYS D 67 -3.36 3.14 39.84
CA CYS D 67 -3.82 2.57 38.58
C CYS D 67 -5.16 1.88 38.69
N ASP D 68 -5.82 1.91 39.86
CA ASP D 68 -7.13 1.30 39.98
C ASP D 68 -8.10 1.81 38.93
N ASP D 69 -7.83 2.97 38.33
CA ASP D 69 -8.61 3.40 37.17
C ASP D 69 -8.32 2.51 35.97
N LEU D 70 -7.04 2.19 35.73
CA LEU D 70 -6.67 1.38 34.56
C LEU D 70 -7.36 0.03 34.58
N ILE D 71 -7.51 -0.55 35.77
CA ILE D 71 -8.14 -1.86 35.92
C ILE D 71 -9.44 -1.91 35.17
N GLY D 72 -9.62 -2.95 34.37
CA GLY D 72 -10.79 -3.12 33.52
C GLY D 72 -10.50 -3.10 32.03
N LYS D 73 -9.23 -3.08 31.61
CA LYS D 73 -8.86 -3.02 30.20
C LYS D 73 -8.12 -4.31 29.85
N THR D 74 -8.85 -5.28 29.31
CA THR D 74 -8.32 -6.59 28.98
C THR D 74 -7.87 -6.70 27.53
N SER D 75 -8.61 -6.12 26.60
CA SER D 75 -8.30 -6.17 25.17
C SER D 75 -8.27 -4.75 24.61
N TRP D 76 -7.52 -4.59 23.52
CA TRP D 76 -7.32 -3.26 22.96
C TRP D 76 -6.85 -3.41 21.53
N SER D 77 -6.80 -2.28 20.83
CA SER D 77 -6.16 -2.22 19.51
C SER D 77 -4.85 -1.46 19.55
N TYR D 78 -4.76 -0.35 20.28
CA TYR D 78 -3.51 0.39 20.40
C TYR D 78 -3.54 1.13 21.72
N ILE D 79 -2.74 0.66 22.68
CA ILE D 79 -2.76 1.29 24.01
C ILE D 79 -2.18 2.71 23.90
N VAL D 80 -2.57 3.61 24.78
CA VAL D 80 -2.14 5.01 24.75
C VAL D 80 -1.48 5.34 26.10
N GLU D 81 -0.25 5.85 26.07
CA GLU D 81 0.44 6.25 27.30
C GLU D 81 0.71 7.75 27.26
N LYS D 82 0.63 8.39 28.42
CA LYS D 82 1.01 9.78 28.45
C LYS D 82 2.54 9.92 28.49
N PRO D 83 3.10 11.01 27.97
CA PRO D 83 4.57 11.10 27.88
C PRO D 83 5.26 11.12 29.24
N ASN D 84 4.70 11.83 30.22
CA ASN D 84 5.22 11.87 31.58
C ASN D 84 4.07 11.55 32.54
N PRO D 85 3.73 10.28 32.70
CA PRO D 85 2.62 9.93 33.58
C PRO D 85 3.00 10.13 35.03
N THR D 86 1.98 10.35 35.88
CA THR D 86 2.23 10.53 37.30
C THR D 86 2.66 9.23 37.98
N ASN D 87 2.24 8.07 37.45
CA ASN D 87 2.38 6.74 38.08
C ASN D 87 3.38 5.80 37.40
N GLY D 88 4.66 5.86 37.76
CA GLY D 88 5.52 4.84 37.19
C GLY D 88 5.91 3.75 38.16
N ILE D 89 6.94 4.08 38.93
CA ILE D 89 7.53 3.21 39.94
C ILE D 89 7.62 4.01 41.23
N CYS D 90 6.48 4.11 41.93
CA CYS D 90 6.39 5.01 43.07
C CYS D 90 7.45 4.70 44.12
N TYR D 91 7.69 3.43 44.40
CA TYR D 91 8.83 3.11 45.26
C TYR D 91 10.04 2.99 44.34
N PRO D 92 11.05 3.85 44.49
CA PRO D 92 12.04 4.00 43.42
C PRO D 92 12.81 2.72 43.11
N GLY D 93 13.04 2.50 41.83
CA GLY D 93 13.68 1.28 41.36
C GLY D 93 13.66 1.21 39.85
N THR D 94 14.01 0.03 39.34
CA THR D 94 14.09 -0.20 37.90
C THR D 94 13.36 -1.49 37.55
N LEU D 95 13.06 -1.62 36.26
CA LEU D 95 12.40 -2.80 35.73
C LEU D 95 13.32 -3.44 34.70
N GLU D 96 13.76 -4.65 34.99
CA GLU D 96 14.69 -5.37 34.12
C GLU D 96 13.97 -5.79 32.84
N ASP D 97 14.46 -5.30 31.71
CA ASP D 97 13.96 -5.61 30.37
C ASP D 97 12.57 -5.06 30.10
N GLU D 98 12.21 -3.94 30.73
CA GLU D 98 10.92 -3.29 30.48
C GLU D 98 10.75 -2.90 29.02
N GLU D 99 11.84 -2.67 28.32
CA GLU D 99 11.86 -2.07 27.00
C GLU D 99 11.71 -3.09 25.88
N GLU D 100 12.02 -4.36 26.15
CA GLU D 100 11.62 -5.46 25.29
C GLU D 100 10.29 -6.05 25.69
N LEU D 101 9.87 -5.84 26.93
CA LEU D 101 8.51 -6.22 27.30
C LEU D 101 7.50 -5.28 26.67
N ARG D 102 7.86 -4.00 26.53
CA ARG D 102 6.98 -3.10 25.80
C ARG D 102 6.98 -3.44 24.32
N LEU D 103 8.07 -4.00 23.81
CA LEU D 103 8.05 -4.52 22.45
C LEU D 103 7.18 -5.77 22.35
N LYS D 104 7.24 -6.62 23.37
CA LYS D 104 6.33 -7.76 23.47
C LYS D 104 4.88 -7.31 23.42
N PHE D 105 4.55 -6.24 24.13
CA PHE D 105 3.20 -5.69 24.16
C PHE D 105 2.87 -4.90 22.90
N SER D 106 3.88 -4.45 22.14
CA SER D 106 3.65 -4.04 20.77
C SER D 106 3.08 -5.19 19.96
N GLY D 107 3.18 -6.40 20.49
CA GLY D 107 2.69 -7.62 19.87
C GLY D 107 1.55 -8.29 20.62
N VAL D 108 0.90 -7.59 21.53
CA VAL D 108 -0.14 -8.16 22.38
C VAL D 108 -1.39 -7.31 22.27
N LEU D 109 -2.55 -7.96 22.04
CA LEU D 109 -3.82 -7.26 21.94
C LEU D 109 -4.78 -7.54 23.08
N GLU D 110 -4.54 -8.59 23.86
CA GLU D 110 -5.43 -8.94 24.97
C GLU D 110 -4.69 -9.86 25.92
N PHE D 111 -4.86 -9.61 27.22
CA PHE D 111 -4.35 -10.50 28.25
C PHE D 111 -5.46 -10.78 29.27
N SER D 112 -5.23 -11.79 30.10
CA SER D 112 -6.13 -12.11 31.20
C SER D 112 -5.32 -12.13 32.49
N LYS D 113 -5.68 -11.28 33.44
CA LYS D 113 -4.95 -11.18 34.70
C LYS D 113 -5.56 -12.13 35.72
N PHE D 114 -4.72 -12.97 36.31
CA PHE D 114 -5.19 -13.96 37.26
C PHE D 114 -4.20 -14.07 38.41
N GLU D 115 -4.68 -14.60 39.53
CA GLU D 115 -3.87 -14.77 40.73
C GLU D 115 -3.08 -16.07 40.61
N ALA D 116 -1.75 -15.97 40.54
CA ALA D 116 -0.89 -17.13 40.43
C ALA D 116 -0.42 -17.64 41.80
N PHE D 117 -0.25 -16.75 42.78
CA PHE D 117 0.12 -17.12 44.13
C PHE D 117 -0.74 -16.34 45.11
N THR D 118 -1.47 -17.05 45.96
CA THR D 118 -2.26 -16.38 46.99
C THR D 118 -1.34 -15.63 47.94
N SER D 119 -1.77 -14.43 48.34
CA SER D 119 -0.94 -13.61 49.21
C SER D 119 -0.73 -14.25 50.58
N ASN D 120 -1.72 -14.98 51.08
CA ASN D 120 -1.66 -15.58 52.41
C ASN D 120 -1.10 -16.99 52.41
N GLY D 121 -0.83 -17.56 51.23
CA GLY D 121 -0.37 -18.93 51.14
C GLY D 121 1.13 -19.09 50.99
N TRP D 122 1.88 -18.13 51.52
CA TRP D 122 3.33 -18.16 51.44
C TRP D 122 3.95 -18.73 52.71
N GLY D 123 3.12 -19.27 53.61
CA GLY D 123 3.59 -19.82 54.86
C GLY D 123 3.34 -18.90 56.03
N ALA D 124 4.05 -19.19 57.13
CA ALA D 124 4.00 -18.37 58.32
C ALA D 124 4.75 -17.07 58.08
N VAL D 125 4.19 -16.20 57.26
CA VAL D 125 4.83 -14.94 56.86
C VAL D 125 3.75 -13.87 56.76
N ASN D 126 4.08 -12.66 57.18
CA ASN D 126 3.10 -11.59 57.25
C ASN D 126 2.84 -11.04 55.85
N SER D 127 1.68 -11.35 55.30
CA SER D 127 1.25 -10.78 54.04
C SER D 127 0.38 -9.55 54.20
N GLY D 128 -0.29 -9.39 55.35
CA GLY D 128 -1.13 -8.24 55.61
C GLY D 128 -0.38 -6.95 55.90
N ALA D 129 0.95 -6.98 55.85
CA ALA D 129 1.81 -5.82 56.03
C ALA D 129 2.53 -5.51 54.71
N GLY D 130 3.54 -4.65 54.79
CA GLY D 130 4.31 -4.28 53.62
C GLY D 130 3.60 -3.29 52.73
N VAL D 131 3.27 -2.12 53.28
CA VAL D 131 2.64 -1.04 52.53
C VAL D 131 3.43 0.23 52.77
N THR D 132 3.59 1.04 51.72
CA THR D 132 4.36 2.27 51.75
C THR D 132 3.54 3.48 51.38
N ALA D 133 3.98 4.63 51.88
CA ALA D 133 3.36 5.90 51.54
C ALA D 133 3.73 6.34 50.13
N ALA D 134 4.90 5.91 49.63
CA ALA D 134 5.26 6.23 48.26
C ALA D 134 4.24 5.66 47.28
N CYS D 135 3.74 4.46 47.56
CA CYS D 135 2.67 3.86 46.75
C CYS D 135 1.34 3.90 47.49
N LYS D 136 0.98 5.06 48.04
CA LYS D 136 -0.28 5.14 48.76
C LYS D 136 -1.45 5.16 47.79
N PHE D 137 -2.53 4.49 48.17
CA PHE D 137 -3.75 4.50 47.38
C PHE D 137 -4.72 5.48 48.02
N GLY D 138 -5.03 6.56 47.30
CA GLY D 138 -5.75 7.60 47.97
C GLY D 138 -4.92 8.15 49.11
N SER D 139 -5.61 8.58 50.17
CA SER D 139 -4.91 9.06 51.35
C SER D 139 -4.21 7.92 52.09
N SER D 140 -4.78 6.73 52.06
CA SER D 140 -4.19 5.55 52.70
C SER D 140 -2.97 5.06 51.93
N ASN D 141 -2.00 4.51 52.66
CA ASN D 141 -0.83 3.97 52.00
C ASN D 141 -1.15 2.62 51.38
N SER D 142 -0.21 2.13 50.59
CA SER D 142 -0.44 0.90 49.86
C SER D 142 0.84 0.42 49.18
N PHE D 143 0.67 -0.55 48.29
CA PHE D 143 1.78 -1.16 47.59
C PHE D 143 1.28 -1.66 46.24
N PHE D 144 2.20 -2.08 45.39
CA PHE D 144 1.81 -2.63 44.09
C PHE D 144 0.86 -3.80 44.27
N ARG D 145 -0.20 -3.82 43.48
CA ARG D 145 -1.24 -4.81 43.66
C ARG D 145 -0.88 -6.16 43.06
N ASN D 146 -0.01 -6.18 42.05
CA ASN D 146 0.36 -7.43 41.39
C ASN D 146 1.45 -8.19 42.14
N MET D 147 2.00 -7.62 43.20
CA MET D 147 2.94 -8.30 44.07
C MET D 147 2.56 -8.07 45.52
N VAL D 148 3.13 -8.87 46.40
CA VAL D 148 2.90 -8.75 47.84
C VAL D 148 4.25 -8.61 48.55
N TRP D 149 4.32 -7.68 49.47
CA TRP D 149 5.55 -7.40 50.19
C TRP D 149 5.50 -8.17 51.50
N LEU D 150 6.07 -9.37 51.48
CA LEU D 150 6.04 -10.24 52.65
C LEU D 150 7.12 -9.85 53.65
N ILE D 151 6.73 -9.86 54.92
CA ILE D 151 7.65 -9.59 56.02
C ILE D 151 7.49 -10.67 57.08
N HIS D 152 8.38 -10.64 58.07
CA HIS D 152 8.43 -11.67 59.10
C HIS D 152 7.08 -11.86 59.79
N GLN D 153 6.87 -13.06 60.31
CA GLN D 153 5.73 -13.37 61.17
C GLN D 153 6.27 -13.72 62.55
N SER D 154 5.98 -12.88 63.54
CA SER D 154 6.35 -13.13 64.93
C SER D 154 7.87 -13.20 65.10
N GLY D 155 8.59 -12.32 64.40
CA GLY D 155 10.03 -12.21 64.54
C GLY D 155 10.85 -13.21 63.77
N THR D 156 10.24 -13.96 62.86
CA THR D 156 10.95 -14.97 62.09
C THR D 156 10.43 -14.94 60.68
N TYR D 157 11.34 -14.97 59.71
CA TYR D 157 10.93 -14.99 58.32
C TYR D 157 11.60 -16.23 57.76
N PRO D 158 10.90 -17.34 57.68
CA PRO D 158 11.52 -18.62 57.28
C PRO D 158 11.79 -18.66 55.78
N VAL D 159 12.38 -19.78 55.34
CA VAL D 159 12.62 -20.01 53.93
C VAL D 159 11.32 -20.48 53.30
N ILE D 160 10.77 -19.68 52.40
CA ILE D 160 9.50 -20.01 51.75
C ILE D 160 9.78 -20.45 50.32
N LYS D 161 8.91 -21.32 49.81
CA LYS D 161 9.10 -21.93 48.49
C LYS D 161 7.76 -22.31 47.91
N ARG D 162 7.48 -21.83 46.70
CA ARG D 162 6.28 -22.24 45.98
C ARG D 162 6.60 -22.41 44.49
N THR D 163 5.66 -23.02 43.77
CA THR D 163 5.85 -23.36 42.37
C THR D 163 4.54 -23.16 41.62
N PHE D 164 4.66 -22.62 40.40
CA PHE D 164 3.54 -22.40 39.51
C PHE D 164 3.75 -23.21 38.25
N ASN D 165 2.70 -23.89 37.79
CA ASN D 165 2.73 -24.66 36.55
C ASN D 165 1.73 -24.07 35.57
N ASN D 166 2.24 -23.63 34.42
CA ASN D 166 1.44 -22.98 33.38
C ASN D 166 0.59 -24.02 32.66
N THR D 167 -0.50 -24.43 33.29
CA THR D 167 -1.44 -25.33 32.65
C THR D 167 -2.42 -24.60 31.73
N LYS D 168 -2.19 -23.31 31.47
CA LYS D 168 -3.10 -22.54 30.63
C LYS D 168 -2.99 -22.91 29.17
N GLY D 169 -1.81 -23.38 28.75
CA GLY D 169 -1.53 -23.63 27.35
C GLY D 169 -1.08 -22.43 26.57
N ARG D 170 -0.74 -21.32 27.24
CA ARG D 170 -0.32 -20.10 26.58
C ARG D 170 0.73 -19.42 27.45
N ASP D 171 1.44 -18.46 26.85
CA ASP D 171 2.50 -17.75 27.57
C ASP D 171 1.92 -16.99 28.76
N VAL D 172 2.66 -16.99 29.87
CA VAL D 172 2.24 -16.28 31.07
C VAL D 172 3.34 -15.30 31.44
N LEU D 173 2.99 -14.01 31.50
CA LEU D 173 3.92 -12.99 31.94
C LEU D 173 3.90 -12.89 33.46
N ILE D 174 5.03 -13.16 34.11
CA ILE D 174 5.09 -13.11 35.56
C ILE D 174 6.14 -12.08 35.98
N VAL D 175 5.85 -11.40 37.08
CA VAL D 175 6.64 -10.28 37.58
C VAL D 175 6.90 -10.47 39.06
N TRP D 176 8.07 -10.00 39.50
CA TRP D 176 8.44 -9.99 40.90
C TRP D 176 9.51 -8.93 41.07
N GLY D 177 10.17 -8.91 42.22
CA GLY D 177 11.23 -7.94 42.43
C GLY D 177 12.02 -8.28 43.67
N ILE D 178 13.19 -7.66 43.76
CA ILE D 178 14.05 -7.79 44.93
C ILE D 178 14.14 -6.42 45.60
N HIS D 179 14.07 -6.44 46.93
CA HIS D 179 14.21 -5.24 47.74
C HIS D 179 15.68 -4.98 48.04
N HIS D 180 16.13 -3.76 47.76
CA HIS D 180 17.48 -3.30 48.08
C HIS D 180 17.36 -2.30 49.22
N PRO D 181 17.39 -2.74 50.47
CA PRO D 181 17.13 -1.84 51.59
C PRO D 181 18.20 -0.75 51.69
N ALA D 182 17.84 0.32 52.40
CA ALA D 182 18.76 1.43 52.60
C ALA D 182 19.82 1.10 53.64
N THR D 183 19.42 0.50 54.76
CA THR D 183 20.34 0.15 55.83
C THR D 183 20.15 -1.32 56.20
N LEU D 184 21.06 -1.81 57.04
CA LEU D 184 20.94 -3.18 57.53
C LEU D 184 19.78 -3.33 58.50
N LYS D 185 19.42 -2.23 59.18
CA LYS D 185 18.35 -2.31 60.16
C LYS D 185 17.00 -2.50 59.50
N GLU D 186 16.80 -1.91 58.32
CA GLU D 186 15.56 -2.15 57.60
C GLU D 186 15.43 -3.62 57.23
N HIS D 187 16.55 -4.22 56.76
CA HIS D 187 16.57 -5.64 56.46
C HIS D 187 16.24 -6.49 57.68
N GLN D 188 16.83 -6.14 58.84
CA GLN D 188 16.59 -6.93 60.05
C GLN D 188 15.17 -6.77 60.55
N ASP D 189 14.60 -5.56 60.43
CA ASP D 189 13.24 -5.33 60.90
C ASP D 189 12.21 -6.01 60.00
N LEU D 190 12.48 -6.10 58.70
CA LEU D 190 11.49 -6.69 57.83
C LEU D 190 11.65 -8.20 57.67
N TYR D 191 12.87 -8.73 57.77
CA TYR D 191 13.14 -10.13 57.46
C TYR D 191 13.77 -10.90 58.61
N LYS D 192 14.08 -10.23 59.73
CA LYS D 192 14.65 -10.86 60.92
C LYS D 192 15.84 -11.74 60.60
N LYS D 193 16.74 -11.19 59.79
CA LYS D 193 18.05 -11.77 59.51
C LYS D 193 18.88 -10.69 58.83
N ASP D 194 20.15 -10.98 58.65
CA ASP D 194 21.08 -9.95 58.20
C ASP D 194 21.30 -9.93 56.70
N SER D 195 21.20 -11.09 56.04
CA SER D 195 21.29 -11.14 54.59
C SER D 195 20.29 -12.17 54.08
N SER D 196 19.86 -11.99 52.84
CA SER D 196 18.82 -12.83 52.27
C SER D 196 19.17 -13.16 50.82
N TYR D 197 18.28 -13.89 50.17
CA TYR D 197 18.46 -14.28 48.78
C TYR D 197 17.09 -14.52 48.16
N VAL D 198 17.04 -14.39 46.84
CA VAL D 198 15.85 -14.76 46.07
C VAL D 198 16.29 -15.68 44.95
N ALA D 199 15.84 -16.93 45.00
CA ALA D 199 16.19 -17.96 44.04
C ALA D 199 14.99 -18.17 43.14
N VAL D 200 15.14 -17.83 41.86
CA VAL D 200 14.09 -18.04 40.88
C VAL D 200 14.60 -19.06 39.88
N GLY D 201 13.88 -20.18 39.78
CA GLY D 201 14.31 -21.21 38.86
C GLY D 201 13.14 -21.85 38.15
N SER D 202 13.12 -21.77 36.85
CA SER D 202 12.09 -22.41 36.06
C SER D 202 12.69 -23.54 35.25
N GLU D 203 11.92 -23.97 34.25
CA GLU D 203 12.35 -25.00 33.34
C GLU D 203 13.58 -24.51 32.57
N THR D 204 13.67 -23.18 32.34
CA THR D 204 14.77 -22.52 31.67
C THR D 204 15.38 -21.38 32.46
N TYR D 205 14.64 -20.78 33.39
CA TYR D 205 15.16 -19.62 34.08
C TYR D 205 16.02 -20.11 35.23
N ASN D 206 17.03 -19.32 35.56
CA ASN D 206 17.92 -19.64 36.65
C ASN D 206 18.61 -18.35 37.09
N ARG D 207 18.23 -17.86 38.27
CA ARG D 207 18.90 -16.72 38.89
C ARG D 207 18.87 -16.79 40.41
N ARG D 208 19.96 -16.36 41.04
CA ARG D 208 19.97 -16.08 42.47
C ARG D 208 20.33 -14.63 42.69
N PHE D 209 19.43 -13.88 43.31
CA PHE D 209 19.64 -12.47 43.62
C PHE D 209 19.92 -12.31 45.11
N THR D 210 20.64 -11.24 45.42
CA THR D 210 20.95 -10.87 46.78
C THR D 210 20.74 -9.37 46.95
N PRO D 211 20.27 -8.94 48.12
CA PRO D 211 20.02 -7.50 48.32
C PRO D 211 21.32 -6.70 48.36
N GLU D 212 21.28 -5.53 47.73
CA GLU D 212 22.40 -4.58 47.70
C GLU D 212 22.01 -3.42 48.62
N ILE D 213 22.60 -3.41 49.80
CA ILE D 213 22.20 -2.49 50.86
C ILE D 213 23.06 -1.24 50.78
N SER D 214 22.42 -0.11 50.53
CA SER D 214 23.01 1.22 50.53
C SER D 214 21.86 2.20 50.47
N THR D 215 22.10 3.42 50.96
CA THR D 215 21.05 4.42 51.17
C THR D 215 21.06 5.44 50.03
N ARG D 216 20.38 5.12 48.93
CA ARG D 216 20.34 5.99 47.77
C ARG D 216 19.62 7.30 48.13
N PRO D 217 19.83 8.37 47.35
CA PRO D 217 19.10 9.62 47.61
C PRO D 217 17.60 9.41 47.54
N ASN D 218 16.87 10.18 48.34
CA ASN D 218 15.44 9.94 48.55
C ASN D 218 14.64 10.28 47.31
N VAL D 219 13.82 9.32 46.87
CA VAL D 219 12.83 9.52 45.82
C VAL D 219 11.49 9.05 46.37
N ASN D 220 10.50 9.95 46.37
CA ASN D 220 9.20 9.71 47.02
C ASN D 220 9.38 9.39 48.49
N GLY D 221 10.45 9.90 49.10
CA GLY D 221 10.71 9.72 50.51
C GLY D 221 11.41 8.44 50.90
N GLN D 222 11.84 7.62 49.94
CA GLN D 222 12.48 6.34 50.22
C GLN D 222 13.95 6.38 49.84
N ALA D 223 14.80 5.89 50.73
CA ALA D 223 16.22 5.76 50.46
C ALA D 223 16.60 4.40 49.88
N GLY D 224 15.74 3.38 50.03
CA GLY D 224 16.00 2.08 49.46
C GLY D 224 15.47 1.98 48.03
N ARG D 225 15.82 0.87 47.38
CA ARG D 225 15.42 0.61 45.99
C ARG D 225 14.77 -0.75 45.88
N MET D 226 14.27 -1.04 44.69
CA MET D 226 13.70 -2.34 44.35
C MET D 226 13.95 -2.60 42.88
N THR D 227 14.57 -3.72 42.58
CA THR D 227 14.80 -4.11 41.20
C THR D 227 13.80 -5.19 40.86
N PHE D 228 12.81 -4.82 40.05
CA PHE D 228 11.77 -5.70 39.58
C PHE D 228 12.20 -6.45 38.33
N TYR D 229 11.82 -7.71 38.27
CA TYR D 229 12.17 -8.57 37.16
C TYR D 229 10.88 -9.19 36.59
N TRP D 230 10.93 -9.54 35.30
CA TRP D 230 9.79 -10.17 34.63
C TRP D 230 10.30 -11.25 33.70
N THR D 231 9.51 -12.31 33.56
CA THR D 231 9.82 -13.37 32.59
C THR D 231 8.54 -13.93 31.99
N MET D 232 8.74 -14.68 30.90
CA MET D 232 7.66 -15.39 30.21
C MET D 232 7.74 -16.87 30.57
N VAL D 233 6.76 -17.34 31.32
CA VAL D 233 6.61 -18.76 31.64
C VAL D 233 5.85 -19.39 30.48
N LYS D 234 6.54 -20.25 29.74
CA LYS D 234 5.99 -20.89 28.56
C LYS D 234 5.11 -22.07 28.98
N PRO D 235 4.15 -22.45 28.13
CA PRO D 235 3.21 -23.53 28.52
C PRO D 235 3.94 -24.81 28.85
N GLY D 236 3.63 -25.36 30.03
CA GLY D 236 4.26 -26.56 30.52
C GLY D 236 5.37 -26.32 31.53
N GLU D 237 5.86 -25.09 31.64
CA GLU D 237 6.96 -24.78 32.54
C GLU D 237 6.45 -24.61 33.95
N SER D 238 7.15 -25.18 34.92
CA SER D 238 6.83 -25.05 36.34
C SER D 238 7.96 -24.28 37.01
N ILE D 239 7.71 -23.03 37.28
CA ILE D 239 8.71 -22.13 37.85
C ILE D 239 8.60 -22.16 39.37
N THR D 240 9.73 -22.05 40.05
CA THR D 240 9.79 -22.14 41.51
C THR D 240 10.48 -20.92 42.08
N PHE D 241 9.83 -20.33 43.08
CA PHE D 241 10.36 -19.19 43.83
C PHE D 241 10.72 -19.65 45.23
N GLU D 242 11.90 -19.23 45.68
CA GLU D 242 12.44 -19.60 46.97
C GLU D 242 13.09 -18.38 47.59
N SER D 243 12.72 -18.03 48.82
CA SER D 243 13.39 -16.85 49.38
C SER D 243 13.36 -16.85 50.91
N ASN D 244 14.37 -16.19 51.49
CA ASN D 244 14.40 -15.91 52.93
C ASN D 244 14.64 -14.44 53.21
N GLY D 245 14.26 -13.56 52.31
CA GLY D 245 14.19 -12.16 52.63
C GLY D 245 14.27 -11.32 51.38
N ALA D 246 13.86 -10.07 51.53
CA ALA D 246 14.00 -9.07 50.48
C ALA D 246 13.29 -9.51 49.20
N PHE D 247 12.01 -9.85 49.33
CA PHE D 247 11.29 -10.50 48.26
C PHE D 247 9.92 -9.87 48.07
N LEU D 248 9.66 -9.44 46.83
CA LEU D 248 8.37 -8.87 46.41
C LEU D 248 7.65 -9.98 45.66
N ALA D 249 6.81 -10.69 46.39
CA ALA D 249 6.21 -11.91 45.89
C ALA D 249 5.30 -11.63 44.70
N PRO D 250 5.36 -12.46 43.66
CA PRO D 250 4.31 -12.41 42.64
C PRO D 250 2.97 -12.82 43.23
N ARG D 251 1.96 -12.05 42.90
CA ARG D 251 0.58 -12.35 43.26
C ARG D 251 -0.33 -12.38 42.05
N TYR D 252 -0.01 -11.67 40.97
CA TYR D 252 -0.85 -11.69 39.79
C TYR D 252 0.01 -11.82 38.54
N ALA D 253 -0.44 -12.65 37.60
CA ALA D 253 0.23 -12.80 36.33
C ALA D 253 -0.76 -12.54 35.19
N PHE D 254 -0.20 -12.42 33.99
CA PHE D 254 -0.96 -12.05 32.79
C PHE D 254 -0.81 -13.17 31.79
N GLU D 255 -1.91 -13.81 31.44
CA GLU D 255 -1.92 -14.82 30.39
C GLU D 255 -2.20 -14.09 29.09
N ILE D 256 -1.18 -14.03 28.22
CA ILE D 256 -1.33 -13.51 26.87
C ILE D 256 -2.42 -14.33 26.19
N VAL D 257 -3.50 -13.67 25.81
CA VAL D 257 -4.63 -14.33 25.18
C VAL D 257 -4.59 -14.19 23.67
N SER D 258 -4.19 -13.03 23.17
CA SER D 258 -4.17 -12.76 21.74
C SER D 258 -2.94 -11.97 21.37
N VAL D 259 -2.35 -12.31 20.23
CA VAL D 259 -1.16 -11.65 19.73
C VAL D 259 -1.40 -11.08 18.34
N GLY D 260 -0.80 -9.92 18.11
CA GLY D 260 -1.00 -9.18 16.90
C GLY D 260 -0.04 -8.01 16.92
N ASN D 261 -0.40 -6.94 16.23
CA ASN D 261 0.60 -5.89 16.06
C ASN D 261 0.21 -4.53 16.64
N GLY D 262 -0.37 -4.52 17.84
CA GLY D 262 -0.77 -3.27 18.48
C GLY D 262 0.32 -2.58 19.28
N LYS D 263 1.02 -1.63 18.66
CA LYS D 263 2.10 -0.88 19.31
C LYS D 263 1.55 0.27 20.17
N LEU D 264 2.49 1.04 20.77
CA LEU D 264 2.20 2.05 21.79
C LEU D 264 2.84 3.40 21.48
N PHE D 265 2.34 4.44 22.13
CA PHE D 265 3.00 5.73 22.01
C PHE D 265 2.77 6.53 23.30
N ARG D 266 3.43 7.70 23.36
CA ARG D 266 3.41 8.65 24.46
C ARG D 266 2.89 10.02 23.97
N SER D 267 1.56 10.14 23.87
CA SER D 267 0.85 11.38 23.52
C SER D 267 -0.37 11.51 24.44
N GLU D 268 -1.20 12.52 24.20
CA GLU D 268 -2.37 12.76 25.04
C GLU D 268 -3.65 13.00 24.23
N LEU D 269 -3.67 12.62 22.95
CA LEU D 269 -4.85 12.75 22.14
C LEU D 269 -5.94 11.77 22.59
N SER D 270 -7.20 12.13 22.34
CA SER D 270 -8.33 11.23 22.71
C SER D 270 -8.14 9.85 22.06
N ILE D 271 -8.64 8.80 22.72
CA ILE D 271 -8.56 7.43 22.13
C ILE D 271 -9.05 7.50 20.67
N GLU D 272 -8.20 7.11 19.73
CA GLU D 272 -8.57 7.20 18.28
C GLU D 272 -8.57 5.79 17.67
N SER D 273 -9.75 5.28 17.28
CA SER D 273 -9.84 3.96 16.62
C SER D 273 -10.00 3.98 15.10
N CYS D 274 -10.46 2.88 14.51
CA CYS D 274 -10.57 2.80 13.02
C CYS D 274 -9.30 3.25 12.22
N ASN D 275 -8.16 2.67 12.64
CA ASN D 275 -6.83 3.15 12.17
C ASN D 275 -6.69 2.66 10.72
N THR D 276 -5.78 3.25 9.96
CA THR D 276 -5.53 2.75 8.58
C THR D 276 -4.34 1.80 8.58
N THR D 277 -3.89 1.36 7.40
CA THR D 277 -2.70 0.48 7.30
C THR D 277 -1.60 1.03 8.21
N CYS D 278 -1.39 2.35 8.19
CA CYS D 278 -0.38 2.97 9.09
C CYS D 278 -1.07 3.92 10.06
N GLN D 279 -1.04 3.62 11.36
CA GLN D 279 -1.61 4.51 12.35
C GLN D 279 -0.47 5.22 13.06
N THR D 280 -0.55 6.54 13.12
CA THR D 280 0.47 7.40 13.69
C THR D 280 -0.10 8.20 14.86
N PRO D 281 0.76 8.80 15.69
CA PRO D 281 0.25 9.63 16.79
C PRO D 281 -0.65 10.76 16.32
N LYS D 282 -0.25 11.45 15.25
CA LYS D 282 -1.10 12.51 14.72
C LYS D 282 -2.42 11.95 14.21
N GLY D 283 -2.40 10.77 13.61
CA GLY D 283 -3.63 10.20 13.08
C GLY D 283 -3.35 9.01 12.19
N ALA D 284 -4.30 8.70 11.31
CA ALA D 284 -4.11 7.59 10.34
C ALA D 284 -4.82 7.95 9.04
N ILE D 285 -4.08 8.37 8.01
CA ILE D 285 -4.72 8.82 6.74
C ILE D 285 -4.77 7.65 5.75
N ASN D 286 -5.91 7.44 5.10
CA ASN D 286 -6.06 6.34 4.11
C ASN D 286 -5.14 6.60 2.91
N THR D 287 -4.95 7.87 2.53
CA THR D 287 -4.05 8.20 1.40
C THR D 287 -2.81 7.32 1.45
N SER D 288 -2.47 6.65 0.35
CA SER D 288 -1.35 5.68 0.39
C SER D 288 -0.21 6.11 -0.55
N LEU D 289 0.33 7.31 -0.34
CA LEU D 289 1.50 7.73 -1.18
C LEU D 289 2.72 6.96 -0.68
N PRO D 290 3.60 6.45 -1.57
CA PRO D 290 4.68 5.55 -1.16
C PRO D 290 5.29 5.89 0.19
N PHE D 291 5.61 7.16 0.40
CA PHE D 291 6.22 7.62 1.64
C PHE D 291 5.34 8.69 2.29
N GLN D 292 5.40 8.73 3.62
CA GLN D 292 4.71 9.73 4.40
C GLN D 292 5.72 10.58 5.16
N ASN D 293 5.21 11.60 5.85
CA ASN D 293 6.07 12.49 6.62
C ASN D 293 5.36 13.06 7.84
N ILE D 294 4.25 12.47 8.27
CA ILE D 294 3.52 12.97 9.43
C ILE D 294 4.31 12.72 10.71
N HIS D 295 4.73 11.48 10.95
CA HIS D 295 5.42 11.18 12.22
C HIS D 295 6.51 10.12 12.05
N PRO D 296 7.62 10.23 12.78
CA PRO D 296 8.64 9.18 12.70
C PRO D 296 8.26 7.89 13.41
N ILE D 297 7.33 7.94 14.37
CA ILE D 297 6.95 6.80 15.19
C ILE D 297 5.61 6.31 14.68
N THR D 298 5.59 5.22 13.94
CA THR D 298 4.39 4.77 13.24
C THR D 298 4.05 3.34 13.60
N ILE D 299 2.86 2.90 13.17
CA ILE D 299 2.35 1.59 13.53
C ILE D 299 1.74 0.94 12.29
N GLY D 300 1.97 -0.36 12.15
CA GLY D 300 1.50 -1.10 11.00
C GLY D 300 2.42 -0.87 9.83
N LYS D 301 2.07 -1.48 8.70
CA LYS D 301 2.80 -1.26 7.45
C LYS D 301 2.80 0.23 7.12
N CYS D 302 3.97 0.87 7.17
CA CYS D 302 4.00 2.32 7.15
C CYS D 302 4.94 2.88 6.09
N PRO D 303 4.49 3.91 5.37
CA PRO D 303 5.41 4.68 4.53
C PRO D 303 6.50 5.33 5.37
N LYS D 304 7.69 5.41 4.79
CA LYS D 304 8.83 5.90 5.55
C LYS D 304 8.72 7.39 5.80
N TYR D 305 9.01 7.78 7.03
CA TYR D 305 8.99 9.17 7.44
C TYR D 305 10.16 9.89 6.82
N VAL D 306 9.92 11.09 6.31
CA VAL D 306 10.95 11.84 5.62
C VAL D 306 10.72 13.33 5.88
N LYS D 307 11.78 14.05 6.22
CA LYS D 307 11.65 15.47 6.55
C LYS D 307 11.09 16.30 5.40
N SER D 308 10.99 15.74 4.19
CA SER D 308 10.52 16.48 3.02
C SER D 308 9.15 17.09 3.26
N THR D 309 8.88 18.15 2.51
CA THR D 309 7.59 18.80 2.48
C THR D 309 6.89 18.63 1.14
N LYS D 310 7.61 18.19 0.12
CA LYS D 310 7.03 18.01 -1.20
C LYS D 310 7.87 16.96 -1.88
N LEU D 311 7.22 15.94 -2.39
CA LEU D 311 7.91 14.92 -3.17
C LEU D 311 7.02 14.61 -4.36
N ARG D 312 7.11 15.42 -5.40
CA ARG D 312 6.24 15.25 -6.55
C ARG D 312 7.10 14.75 -7.67
N LEU D 313 6.81 13.55 -8.12
CA LEU D 313 7.50 12.94 -9.23
C LEU D 313 6.86 13.38 -10.54
N ALA D 314 7.68 13.85 -11.47
CA ALA D 314 7.22 14.27 -12.78
C ALA D 314 6.88 13.04 -13.61
N THR D 315 5.64 13.01 -14.11
CA THR D 315 5.16 11.96 -14.99
C THR D 315 4.93 12.45 -16.41
N GLY D 316 4.30 13.61 -16.58
CA GLY D 316 4.16 14.23 -17.88
C GLY D 316 5.36 15.10 -18.24
N LEU D 317 5.16 15.91 -19.28
CA LEU D 317 6.14 16.83 -19.84
C LEU D 317 5.88 18.28 -19.41
N ARG D 318 6.88 19.14 -19.67
CA ARG D 318 6.86 20.55 -19.36
C ARG D 318 5.65 21.23 -19.98
N ASN D 319 4.70 21.61 -19.13
CA ASN D 319 3.48 22.28 -19.57
C ASN D 319 3.84 23.73 -19.87
N VAL D 320 3.72 24.13 -21.12
CA VAL D 320 3.86 25.52 -21.53
C VAL D 320 2.80 25.76 -22.63
N PRO D 321 1.68 26.37 -22.24
CA PRO D 321 0.55 26.51 -23.15
C PRO D 321 0.81 27.74 -23.99
N SER D 322 0.15 27.77 -25.15
CA SER D 322 0.21 28.89 -26.09
C SER D 322 1.65 29.25 -26.48
C1 NAG E . -8.81 21.56 -13.88
C2 NAG E . -9.40 22.70 -14.71
C3 NAG E . -10.56 22.20 -15.56
C4 NAG E . -10.17 20.98 -16.37
C5 NAG E . -9.50 19.93 -15.49
C6 NAG E . -8.93 18.77 -16.26
C7 NAG E . -9.42 25.08 -14.15
C8 NAG E . -8.13 25.22 -14.90
N2 NAG E . -9.81 23.83 -13.89
O3 NAG E . -11.01 23.26 -16.39
O4 NAG E . -11.32 20.40 -16.97
O5 NAG E . -8.40 20.54 -14.78
O6 NAG E . -9.89 18.22 -17.14
O7 NAG E . -10.08 26.05 -13.81
C1 NAG E . -12.42 20.36 -16.05
C2 NAG E . -13.73 20.89 -16.64
C3 NAG E . -14.45 19.79 -17.40
C4 NAG E . -13.77 18.45 -17.22
C5 NAG E . -13.50 18.22 -15.73
C6 NAG E . -12.92 16.86 -15.44
C7 NAG E . -14.13 22.39 -14.75
C8 NAG E . -14.20 22.00 -13.31
N2 NAG E . -14.56 21.47 -15.62
O3 NAG E . -14.52 20.15 -18.77
O4 NAG E . -14.62 17.41 -17.70
O5 NAG E . -12.54 19.18 -15.25
O6 NAG E . -11.87 16.56 -16.36
O7 NAG E . -13.70 23.47 -15.12
C1 NAG F . -11.11 7.17 1.74
C2 NAG F . -12.16 7.60 2.77
C3 NAG F . -12.04 9.10 3.02
C4 NAG F . -10.60 9.57 2.79
C5 NAG F . -10.22 9.34 1.33
C6 NAG F . -8.75 9.07 1.15
C7 NAG F . -13.95 6.98 1.17
C8 NAG F . -14.46 8.14 0.38
N2 NAG F . -13.53 7.27 2.41
O3 NAG F . -12.47 9.40 4.34
O4 NAG F . -10.50 10.96 3.09
O5 NAG F . -10.93 8.21 0.79
O6 NAG F . -7.97 9.70 2.16
O7 NAG F . -13.93 5.85 0.74
#